data_8FV8
#
_entry.id   8FV8
#
_cell.length_a   158.014
_cell.length_b   109.426
_cell.length_c   129.023
_cell.angle_alpha   90.000
_cell.angle_beta   90.000
_cell.angle_gamma   90.000
#
_symmetry.space_group_name_H-M   'P 21 21 2'
#
loop_
_entity.id
_entity.type
_entity.pdbx_description
1 polymer 'CTP synthase'
2 non-polymer "ADENOSINE-5'-DIPHOSPHATE"
3 non-polymer "2'-deoxy-2',2'-difluorocytidine 5'-(tetrahydrogen triphosphate)"
4 non-polymer 'SODIUM ION'
5 water water
#
_entity_poly.entity_id   1
_entity_poly.type   'polypeptide(L)'
_entity_poly.pdbx_seq_one_letter_code
;MTTNYIFVTGGVVSSLGKGIAAASLAAILEARGLNVTIMKLDPYINVDPGTMSPIQHGEVFVTEDGAETDLDLGHYERFI
RTKMSRRNNFTTGRIYSDVLRKERRGDYLGATVQVIPHITNAIKERVLEGGEGHDVVLVEIGGTVGDIESLPFLEAIRQM
AVEIGREHTLFMHLTLVPYMAASGEVKTKPTQHSVKELLSIGIQPDILICRSDRAVPANERAKIALFCNVPEKAVISLKD
VDSIYKIPGLLKSQGLDDYICKRFSLNCPEANLSEWEQVIFEEANPVSEVTIGMVGKYIELPDAYKSVIEALKHGGLKNR
VSVNIKLIDSQDVETRGVEILKGLDAILVPGGFGYRGVEGMITTARFARENNIPYLGICLGMQVALIDYARHVANMENAN
STEFVPDCKYPVVALITEWRDENGNVEVRSEKSDLGGTMRLGAQQCQLVDDSLVRQLYNAPTIVERHRHRYEVNNMLLKQ
IEDAGLRVAGRSGDDQLVEIIEVPNHPWFVACQFHPEFTSTPRDGHPLFAGFVKAASEFQKRQAK
;
_entity_poly.pdbx_strand_id   AAA,BBB
#
# COMPACT_ATOMS: atom_id res chain seq x y z
N MET A 1 20.91 -33.83 -13.93
CA MET A 1 20.16 -34.79 -14.81
C MET A 1 18.67 -34.41 -14.82
N THR A 2 17.96 -34.62 -13.70
CA THR A 2 16.49 -34.40 -13.58
C THR A 2 16.21 -32.89 -13.58
N THR A 3 15.40 -32.42 -14.53
CA THR A 3 14.96 -31.00 -14.65
C THR A 3 14.22 -30.58 -13.37
N ASN A 4 14.60 -29.44 -12.81
CA ASN A 4 13.99 -28.86 -11.60
C ASN A 4 13.01 -27.76 -12.02
N TYR A 5 11.90 -27.63 -11.28
CA TYR A 5 10.83 -26.63 -11.56
C TYR A 5 10.67 -25.72 -10.33
N ILE A 6 10.58 -24.42 -10.59
CA ILE A 6 10.15 -23.39 -9.62
C ILE A 6 8.82 -22.84 -10.14
N PHE A 7 7.72 -23.17 -9.46
CA PHE A 7 6.37 -22.64 -9.77
C PHE A 7 6.23 -21.30 -9.06
N VAL A 8 5.99 -20.24 -9.83
CA VAL A 8 5.94 -18.85 -9.30
C VAL A 8 4.50 -18.36 -9.35
N THR A 9 3.91 -18.14 -8.17
CA THR A 9 2.49 -17.70 -8.01
C THR A 9 2.49 -16.31 -7.40
N GLY A 10 1.35 -15.60 -7.51
CA GLY A 10 1.13 -14.26 -6.97
C GLY A 10 -0.05 -14.27 -6.02
N GLY A 11 0.05 -13.53 -4.92
CA GLY A 11 -1.03 -13.37 -3.92
C GLY A 11 -1.29 -11.91 -3.64
N VAL A 12 -2.44 -11.65 -3.00
CA VAL A 12 -2.91 -10.33 -2.49
C VAL A 12 -3.42 -9.48 -3.67
N VAL A 13 -2.52 -9.12 -4.60
CA VAL A 13 -2.83 -8.26 -5.78
C VAL A 13 -2.04 -8.75 -6.98
N SER A 14 -2.46 -8.38 -8.19
CA SER A 14 -1.67 -8.46 -9.43
C SER A 14 -0.79 -7.19 -9.52
N SER A 15 -0.02 -7.03 -10.60
CA SER A 15 0.90 -5.88 -10.81
C SER A 15 2.03 -5.92 -9.78
N LEU A 16 2.44 -7.12 -9.37
CA LEU A 16 3.54 -7.37 -8.40
C LEU A 16 4.89 -7.36 -9.13
N GLY A 17 4.91 -7.40 -10.46
CA GLY A 17 6.14 -7.57 -11.25
C GLY A 17 6.69 -8.99 -11.14
N LYS A 18 5.79 -9.98 -11.24
CA LYS A 18 6.10 -11.41 -11.04
C LYS A 18 6.99 -11.92 -12.19
N GLY A 19 6.75 -11.47 -13.41
CA GLY A 19 7.58 -11.84 -14.59
C GLY A 19 9.00 -11.32 -14.43
N ILE A 20 9.13 -10.10 -13.93
CA ILE A 20 10.45 -9.43 -13.70
C ILE A 20 11.19 -10.15 -12.57
N ALA A 21 10.48 -10.56 -11.52
CA ALA A 21 11.05 -11.30 -10.36
C ALA A 21 11.55 -12.66 -10.82
N ALA A 22 10.74 -13.37 -11.63
CA ALA A 22 11.09 -14.69 -12.21
C ALA A 22 12.31 -14.52 -13.14
N ALA A 23 12.27 -13.54 -14.03
CA ALA A 23 13.33 -13.25 -15.02
C ALA A 23 14.62 -12.90 -14.27
N SER A 24 14.51 -12.10 -13.20
CA SER A 24 15.64 -11.68 -12.33
C SER A 24 16.27 -12.90 -11.66
N LEU A 25 15.46 -13.81 -11.12
CA LEU A 25 15.97 -15.05 -10.48
C LEU A 25 16.65 -15.91 -11.53
N ALA A 26 16.05 -16.03 -12.73
CA ALA A 26 16.60 -16.79 -13.86
C ALA A 26 17.98 -16.22 -14.25
N ALA A 27 18.13 -14.89 -14.26
CA ALA A 27 19.41 -14.19 -14.56
C ALA A 27 20.48 -14.63 -13.56
N ILE A 28 20.16 -14.71 -12.27
CA ILE A 28 21.16 -15.14 -11.23
C ILE A 28 21.59 -16.58 -11.53
N LEU A 29 20.61 -17.46 -11.78
CA LEU A 29 20.85 -18.90 -12.01
C LEU A 29 21.65 -19.09 -13.30
N GLU A 30 21.32 -18.35 -14.37
CA GLU A 30 22.11 -18.36 -15.63
C GLU A 30 23.54 -17.89 -15.35
N ALA A 31 23.73 -16.94 -14.43
CA ALA A 31 25.05 -16.37 -14.06
C ALA A 31 25.83 -17.35 -13.19
N ARG A 32 25.21 -18.47 -12.78
CA ARG A 32 25.89 -19.59 -12.07
C ARG A 32 26.21 -20.72 -13.05
N GLY A 33 25.99 -20.51 -14.35
CA GLY A 33 26.33 -21.47 -15.42
C GLY A 33 25.20 -22.46 -15.69
N LEU A 34 24.06 -22.32 -15.01
CA LEU A 34 22.92 -23.25 -15.16
C LEU A 34 22.18 -22.95 -16.48
N ASN A 35 21.68 -24.00 -17.11
CA ASN A 35 20.76 -23.92 -18.27
C ASN A 35 19.33 -23.73 -17.73
N VAL A 36 18.79 -22.52 -17.89
N VAL A 36 18.78 -22.52 -17.91
CA VAL A 36 17.49 -22.14 -17.27
CA VAL A 36 17.51 -22.07 -17.27
C VAL A 36 16.54 -21.60 -18.34
C VAL A 36 16.55 -21.58 -18.34
N THR A 37 15.24 -21.78 -18.13
CA THR A 37 14.18 -21.18 -18.97
C THR A 37 13.04 -20.76 -18.07
N ILE A 38 12.13 -19.98 -18.65
CA ILE A 38 10.94 -19.40 -17.98
C ILE A 38 9.77 -19.64 -18.93
N MET A 39 8.58 -19.90 -18.38
CA MET A 39 7.34 -19.93 -19.18
CA MET A 39 7.31 -20.04 -19.13
C MET A 39 6.23 -19.19 -18.43
N LYS A 40 5.32 -18.61 -19.19
CA LYS A 40 4.17 -17.82 -18.67
C LYS A 40 2.88 -18.60 -18.98
N LEU A 41 2.15 -18.96 -17.93
CA LEU A 41 0.79 -19.55 -18.02
C LEU A 41 -0.21 -18.44 -17.74
N ASP A 42 -0.93 -17.98 -18.77
CA ASP A 42 -1.89 -16.85 -18.70
C ASP A 42 -3.30 -17.42 -18.55
N PRO A 43 -4.08 -16.98 -17.54
CA PRO A 43 -5.44 -17.51 -17.34
C PRO A 43 -6.50 -16.91 -18.27
N TYR A 44 -6.12 -16.07 -19.22
CA TYR A 44 -7.12 -15.46 -20.15
CA TYR A 44 -7.06 -15.44 -20.19
C TYR A 44 -7.54 -16.51 -21.19
N ILE A 45 -8.70 -16.30 -21.78
CA ILE A 45 -9.39 -17.27 -22.67
C ILE A 45 -8.93 -17.04 -24.11
N ASN A 46 -8.32 -15.89 -24.42
CA ASN A 46 -7.71 -15.62 -25.76
C ASN A 46 -6.75 -16.77 -26.06
N VAL A 47 -6.86 -17.40 -27.24
CA VAL A 47 -5.98 -18.54 -27.61
C VAL A 47 -4.53 -18.03 -27.63
N ASP A 48 -4.34 -16.78 -28.05
CA ASP A 48 -3.06 -16.03 -27.97
C ASP A 48 -3.36 -14.53 -28.06
N PRO A 49 -2.38 -13.65 -27.74
CA PRO A 49 -2.56 -12.20 -27.86
C PRO A 49 -2.67 -11.61 -29.28
N GLY A 50 -2.61 -12.44 -30.33
CA GLY A 50 -2.71 -12.02 -31.74
C GLY A 50 -3.85 -11.05 -31.98
N THR A 51 -5.03 -11.31 -31.42
CA THR A 51 -6.27 -10.49 -31.60
C THR A 51 -6.18 -9.24 -30.72
N MET A 52 -5.66 -9.38 -29.50
CA MET A 52 -5.77 -8.39 -28.38
C MET A 52 -5.24 -7.01 -28.81
N SER A 53 -5.87 -5.95 -28.31
CA SER A 53 -5.61 -4.52 -28.64
C SER A 53 -4.46 -3.99 -27.79
N PRO A 54 -3.45 -3.31 -28.39
CA PRO A 54 -2.36 -2.70 -27.63
C PRO A 54 -2.81 -1.81 -26.46
N ILE A 55 -3.87 -1.03 -26.66
CA ILE A 55 -4.43 -0.03 -25.68
C ILE A 55 -4.93 -0.76 -24.42
N GLN A 56 -5.43 -1.99 -24.56
CA GLN A 56 -6.03 -2.78 -23.46
C GLN A 56 -5.00 -3.76 -22.88
N HIS A 57 -4.35 -4.54 -23.75
CA HIS A 57 -3.48 -5.69 -23.38
C HIS A 57 -2.04 -5.22 -23.12
N GLY A 58 -1.59 -4.17 -23.81
CA GLY A 58 -0.16 -3.82 -23.93
C GLY A 58 0.44 -4.46 -25.16
N GLU A 59 1.77 -4.39 -25.30
CA GLU A 59 2.47 -4.84 -26.54
C GLU A 59 2.25 -6.34 -26.70
N VAL A 60 2.10 -6.77 -27.96
CA VAL A 60 2.19 -8.20 -28.38
C VAL A 60 3.67 -8.47 -28.67
N PHE A 61 4.30 -9.33 -27.87
CA PHE A 61 5.72 -9.71 -28.08
C PHE A 61 5.77 -10.81 -29.14
N VAL A 62 6.82 -10.81 -29.98
CA VAL A 62 7.01 -11.82 -31.05
C VAL A 62 8.34 -12.52 -30.80
N THR A 63 8.30 -13.85 -30.75
CA THR A 63 9.48 -14.74 -30.57
C THR A 63 10.08 -15.08 -31.94
N GLU A 64 11.26 -15.68 -31.96
CA GLU A 64 11.99 -16.09 -33.18
C GLU A 64 11.06 -16.91 -34.08
N ASP A 65 10.36 -17.88 -33.50
CA ASP A 65 9.50 -18.85 -34.23
C ASP A 65 8.19 -18.17 -34.66
N GLY A 66 8.03 -16.88 -34.39
CA GLY A 66 6.88 -16.08 -34.85
C GLY A 66 5.63 -16.28 -34.01
N ALA A 67 5.76 -16.76 -32.76
CA ALA A 67 4.62 -16.85 -31.81
C ALA A 67 4.28 -15.44 -31.32
N GLU A 68 3.00 -15.10 -31.26
CA GLU A 68 2.50 -13.85 -30.65
C GLU A 68 2.23 -14.14 -29.17
N THR A 69 2.96 -13.48 -28.27
CA THR A 69 3.06 -13.89 -26.85
C THR A 69 2.85 -12.71 -25.92
N ASP A 70 2.66 -13.02 -24.64
CA ASP A 70 2.61 -12.04 -23.54
C ASP A 70 3.90 -11.19 -23.53
N LEU A 71 3.73 -9.89 -23.28
CA LEU A 71 4.77 -8.88 -22.98
C LEU A 71 5.86 -9.44 -22.04
N ASP A 72 5.50 -10.33 -21.09
CA ASP A 72 6.47 -10.90 -20.11
C ASP A 72 7.62 -11.63 -20.81
N LEU A 73 7.40 -12.26 -21.98
CA LEU A 73 8.47 -13.03 -22.67
C LEU A 73 9.58 -12.07 -23.14
N GLY A 74 9.23 -10.80 -23.35
CA GLY A 74 10.19 -9.70 -23.57
C GLY A 74 11.09 -9.49 -22.37
N HIS A 75 10.52 -9.44 -21.15
CA HIS A 75 11.30 -9.40 -19.89
C HIS A 75 12.22 -10.63 -19.84
N TYR A 76 11.70 -11.81 -20.14
CA TYR A 76 12.47 -13.07 -20.04
C TYR A 76 13.72 -12.95 -20.92
N GLU A 77 13.56 -12.54 -22.19
CA GLU A 77 14.67 -12.53 -23.18
C GLU A 77 15.67 -11.41 -22.84
N ARG A 78 15.22 -10.37 -22.15
CA ARG A 78 16.08 -9.24 -21.71
C ARG A 78 16.89 -9.62 -20.47
N PHE A 79 16.51 -10.68 -19.75
CA PHE A 79 17.19 -11.13 -18.49
C PHE A 79 18.03 -12.40 -18.71
N ILE A 80 17.65 -13.27 -19.65
CA ILE A 80 18.41 -14.52 -19.93
C ILE A 80 18.58 -14.67 -21.44
N ARG A 81 19.59 -15.44 -21.84
CA ARG A 81 20.00 -15.59 -23.26
C ARG A 81 19.31 -16.82 -23.87
N THR A 82 18.62 -17.64 -23.07
CA THR A 82 17.74 -18.72 -23.58
C THR A 82 16.65 -18.05 -24.45
N LYS A 83 16.52 -18.47 -25.72
CA LYS A 83 15.55 -17.87 -26.67
C LYS A 83 14.16 -18.43 -26.36
N MET A 84 13.15 -17.57 -26.35
CA MET A 84 11.74 -17.96 -26.10
C MET A 84 11.13 -18.45 -27.41
N SER A 85 10.12 -19.32 -27.30
CA SER A 85 9.33 -19.87 -28.43
C SER A 85 7.88 -20.01 -27.98
N ARG A 86 7.01 -20.50 -28.87
CA ARG A 86 5.59 -20.80 -28.57
C ARG A 86 5.48 -21.59 -27.27
N ARG A 87 6.47 -22.43 -26.96
CA ARG A 87 6.46 -23.37 -25.80
C ARG A 87 6.58 -22.61 -24.47
N ASN A 88 6.94 -21.33 -24.49
CA ASN A 88 7.25 -20.54 -23.27
C ASN A 88 6.04 -19.70 -22.85
N ASN A 89 4.91 -19.80 -23.56
CA ASN A 89 3.70 -19.03 -23.24
C ASN A 89 2.47 -19.80 -23.72
N PHE A 90 1.49 -20.04 -22.86
CA PHE A 90 0.17 -20.57 -23.28
C PHE A 90 -0.90 -20.09 -22.32
N THR A 91 -2.12 -20.06 -22.83
CA THR A 91 -3.32 -19.49 -22.17
C THR A 91 -4.28 -20.64 -21.81
N THR A 92 -5.21 -20.36 -20.91
CA THR A 92 -6.40 -21.22 -20.67
C THR A 92 -7.09 -21.51 -22.00
N GLY A 93 -7.29 -20.47 -22.81
CA GLY A 93 -7.88 -20.57 -24.16
C GLY A 93 -7.24 -21.68 -24.98
N ARG A 94 -5.90 -21.67 -25.03
CA ARG A 94 -5.07 -22.65 -25.79
C ARG A 94 -5.34 -24.05 -25.24
N ILE A 95 -5.39 -24.19 -23.91
CA ILE A 95 -5.57 -25.48 -23.19
C ILE A 95 -6.98 -26.02 -23.50
N TYR A 96 -8.03 -25.20 -23.38
CA TYR A 96 -9.43 -25.65 -23.63
C TYR A 96 -9.57 -25.95 -25.13
N SER A 97 -8.95 -25.13 -25.99
CA SER A 97 -8.91 -25.34 -27.46
C SER A 97 -8.29 -26.70 -27.78
N ASP A 98 -7.13 -27.02 -27.19
CA ASP A 98 -6.44 -28.33 -27.31
C ASP A 98 -7.41 -29.45 -26.94
N VAL A 99 -7.98 -29.40 -25.73
CA VAL A 99 -8.81 -30.49 -25.15
C VAL A 99 -10.10 -30.66 -25.97
N LEU A 100 -10.77 -29.56 -26.32
CA LEU A 100 -12.03 -29.58 -27.12
C LEU A 100 -11.77 -30.29 -28.46
N ARG A 101 -10.63 -30.03 -29.09
CA ARG A 101 -10.27 -30.62 -30.42
C ARG A 101 -9.99 -32.11 -30.25
N LYS A 102 -9.20 -32.51 -29.24
CA LYS A 102 -8.97 -33.93 -28.91
C LYS A 102 -10.31 -34.63 -28.65
N GLU A 103 -11.26 -33.95 -27.98
CA GLU A 103 -12.59 -34.52 -27.60
C GLU A 103 -13.45 -34.71 -28.85
N ARG A 104 -13.58 -33.67 -29.68
CA ARG A 104 -14.41 -33.70 -30.92
C ARG A 104 -13.83 -34.74 -31.89
N ARG A 105 -12.50 -34.85 -31.97
CA ARG A 105 -11.81 -35.89 -32.76
C ARG A 105 -12.21 -37.29 -32.25
N GLY A 106 -12.12 -37.53 -30.93
CA GLY A 106 -12.43 -38.83 -30.29
C GLY A 106 -11.26 -39.43 -29.55
N ASP A 107 -10.22 -38.64 -29.24
CA ASP A 107 -9.00 -39.09 -28.51
C ASP A 107 -9.35 -39.64 -27.12
N TYR A 108 -10.43 -39.18 -26.48
CA TYR A 108 -10.76 -39.55 -25.08
C TYR A 108 -11.67 -40.79 -25.03
N LEU A 109 -11.97 -41.37 -26.20
CA LEU A 109 -12.59 -42.72 -26.33
C LEU A 109 -13.91 -42.79 -25.56
N GLY A 110 -14.74 -41.74 -25.69
CA GLY A 110 -16.08 -41.66 -25.05
C GLY A 110 -16.01 -41.41 -23.55
N ALA A 111 -14.85 -41.05 -23.01
CA ALA A 111 -14.69 -40.71 -21.58
C ALA A 111 -15.39 -39.38 -21.32
N THR A 112 -15.87 -39.18 -20.09
CA THR A 112 -16.26 -37.85 -19.56
C THR A 112 -14.97 -37.03 -19.49
N VAL A 113 -14.91 -35.90 -20.18
CA VAL A 113 -13.72 -35.01 -20.17
C VAL A 113 -13.95 -33.99 -19.05
N GLN A 114 -12.98 -33.89 -18.13
CA GLN A 114 -13.14 -33.21 -16.83
C GLN A 114 -11.96 -32.24 -16.62
N VAL A 115 -12.16 -31.20 -15.81
CA VAL A 115 -11.04 -30.29 -15.41
C VAL A 115 -9.88 -31.15 -14.93
N ILE A 116 -10.15 -32.11 -14.06
CA ILE A 116 -9.18 -33.15 -13.61
C ILE A 116 -9.75 -34.50 -14.00
N PRO A 117 -9.04 -35.34 -14.79
CA PRO A 117 -7.64 -35.09 -15.19
C PRO A 117 -7.34 -34.37 -16.52
N HIS A 118 -8.33 -34.08 -17.36
CA HIS A 118 -8.08 -33.78 -18.80
C HIS A 118 -7.47 -32.39 -18.98
N ILE A 119 -8.03 -31.35 -18.36
CA ILE A 119 -7.49 -29.96 -18.47
C ILE A 119 -6.13 -29.93 -17.77
N THR A 120 -6.04 -30.49 -16.55
CA THR A 120 -4.78 -30.49 -15.76
C THR A 120 -3.71 -31.28 -16.53
N ASN A 121 -4.06 -32.41 -17.16
CA ASN A 121 -3.09 -33.22 -17.96
C ASN A 121 -2.56 -32.37 -19.11
N ALA A 122 -3.42 -31.66 -19.84
CA ALA A 122 -3.03 -30.77 -20.96
C ALA A 122 -2.08 -29.68 -20.46
N ILE A 123 -2.32 -29.14 -19.26
CA ILE A 123 -1.44 -28.09 -18.68
C ILE A 123 -0.07 -28.71 -18.40
N LYS A 124 -0.04 -29.85 -17.70
CA LYS A 124 1.22 -30.51 -17.28
C LYS A 124 2.04 -30.89 -18.53
N GLU A 125 1.38 -31.37 -19.60
CA GLU A 125 2.09 -31.80 -20.84
C GLU A 125 2.82 -30.59 -21.43
N ARG A 126 2.17 -29.42 -21.47
CA ARG A 126 2.75 -28.17 -22.03
C ARG A 126 3.89 -27.68 -21.15
N VAL A 127 3.77 -27.79 -19.82
CA VAL A 127 4.85 -27.39 -18.89
C VAL A 127 6.07 -28.29 -19.12
N LEU A 128 5.88 -29.60 -19.17
CA LEU A 128 6.97 -30.58 -19.41
C LEU A 128 7.62 -30.32 -20.78
N GLU A 129 6.82 -30.04 -21.80
CA GLU A 129 7.27 -29.76 -23.18
C GLU A 129 8.19 -28.53 -23.20
N GLY A 130 7.84 -27.47 -22.47
CA GLY A 130 8.62 -26.22 -22.40
C GLY A 130 9.86 -26.37 -21.54
N GLY A 131 9.79 -27.22 -20.50
CA GLY A 131 10.79 -27.28 -19.43
C GLY A 131 11.88 -28.31 -19.64
N GLU A 132 11.55 -29.52 -20.09
CA GLU A 132 12.47 -30.69 -20.01
C GLU A 132 13.70 -30.42 -20.89
N GLY A 133 14.88 -30.79 -20.40
CA GLY A 133 16.18 -30.49 -21.05
C GLY A 133 16.92 -29.35 -20.35
N HIS A 134 16.24 -28.62 -19.45
CA HIS A 134 16.83 -27.49 -18.69
C HIS A 134 17.18 -27.97 -17.28
N ASP A 135 18.15 -27.32 -16.64
CA ASP A 135 18.50 -27.57 -15.21
C ASP A 135 17.36 -27.04 -14.34
N VAL A 136 16.90 -25.82 -14.62
CA VAL A 136 15.86 -25.12 -13.82
C VAL A 136 14.88 -24.45 -14.76
N VAL A 137 13.59 -24.70 -14.53
CA VAL A 137 12.47 -24.12 -15.30
C VAL A 137 11.65 -23.27 -14.34
N LEU A 138 11.54 -21.98 -14.58
CA LEU A 138 10.64 -21.07 -13.83
C LEU A 138 9.31 -21.05 -14.58
N VAL A 139 8.24 -21.46 -13.88
CA VAL A 139 6.86 -21.52 -14.42
C VAL A 139 6.04 -20.44 -13.72
N GLU A 140 5.85 -19.32 -14.40
CA GLU A 140 5.08 -18.18 -13.86
C GLU A 140 3.58 -18.45 -14.07
N ILE A 141 2.82 -18.52 -12.98
CA ILE A 141 1.34 -18.71 -13.02
C ILE A 141 0.69 -17.33 -13.00
N GLY A 142 0.06 -16.92 -14.09
CA GLY A 142 -0.73 -15.67 -14.13
C GLY A 142 -1.94 -15.76 -13.22
N GLY A 143 -2.55 -14.61 -12.92
CA GLY A 143 -3.68 -14.50 -12.00
C GLY A 143 -3.21 -14.45 -10.56
N THR A 144 -4.15 -14.25 -9.64
CA THR A 144 -3.88 -14.12 -8.20
C THR A 144 -4.45 -15.34 -7.50
N VAL A 145 -3.69 -15.93 -6.59
CA VAL A 145 -4.17 -17.04 -5.73
C VAL A 145 -5.39 -16.53 -4.97
N GLY A 146 -6.50 -17.27 -5.03
CA GLY A 146 -7.79 -16.89 -4.43
C GLY A 146 -8.84 -16.61 -5.49
N ASP A 147 -8.42 -16.40 -6.74
CA ASP A 147 -9.33 -16.13 -7.88
C ASP A 147 -9.63 -17.46 -8.57
N ILE A 148 -10.75 -17.52 -9.30
N ILE A 148 -10.72 -17.55 -9.32
CA ILE A 148 -11.23 -18.73 -10.03
CA ILE A 148 -11.13 -18.83 -9.96
C ILE A 148 -10.28 -19.05 -11.19
C ILE A 148 -10.31 -19.07 -11.24
N GLU A 149 -9.80 -18.02 -11.89
CA GLU A 149 -9.21 -18.15 -13.25
C GLU A 149 -7.93 -19.00 -13.26
N SER A 150 -7.17 -19.05 -12.16
CA SER A 150 -5.86 -19.73 -12.11
CA SER A 150 -5.86 -19.74 -12.13
C SER A 150 -5.97 -21.12 -11.47
N LEU A 151 -7.16 -21.52 -11.00
CA LEU A 151 -7.29 -22.77 -10.21
C LEU A 151 -6.82 -23.99 -11.00
N PRO A 152 -7.19 -24.18 -12.28
CA PRO A 152 -6.71 -25.34 -13.04
C PRO A 152 -5.16 -25.38 -13.12
N PHE A 153 -4.50 -24.24 -13.33
CA PHE A 153 -3.03 -24.15 -13.32
C PHE A 153 -2.49 -24.58 -11.95
N LEU A 154 -3.10 -24.08 -10.88
CA LEU A 154 -2.59 -24.36 -9.51
C LEU A 154 -2.75 -25.86 -9.20
N GLU A 155 -3.89 -26.47 -9.54
CA GLU A 155 -4.13 -27.92 -9.36
C GLU A 155 -3.10 -28.71 -10.19
N ALA A 156 -2.85 -28.28 -11.44
CA ALA A 156 -1.88 -28.94 -12.33
C ALA A 156 -0.49 -28.94 -11.69
N ILE A 157 -0.03 -27.78 -11.19
CA ILE A 157 1.38 -27.70 -10.66
C ILE A 157 1.46 -28.42 -9.31
N ARG A 158 0.38 -28.46 -8.54
CA ARG A 158 0.29 -29.26 -7.28
C ARG A 158 0.57 -30.72 -7.62
N GLN A 159 -0.14 -31.27 -8.60
CA GLN A 159 0.02 -32.66 -9.09
C GLN A 159 1.47 -32.88 -9.57
N MET A 160 2.00 -31.94 -10.34
CA MET A 160 3.37 -32.06 -10.94
C MET A 160 4.39 -32.18 -9.80
N ALA A 161 4.25 -31.36 -8.76
CA ALA A 161 5.18 -31.33 -7.61
C ALA A 161 5.25 -32.72 -6.99
N VAL A 162 4.10 -33.36 -6.78
CA VAL A 162 3.98 -34.72 -6.16
C VAL A 162 4.60 -35.76 -7.11
N GLU A 163 4.22 -35.75 -8.39
CA GLU A 163 4.66 -36.72 -9.44
C GLU A 163 6.18 -36.65 -9.62
N ILE A 164 6.70 -35.46 -9.87
CA ILE A 164 8.14 -35.23 -10.18
C ILE A 164 8.94 -35.43 -8.88
N GLY A 165 8.35 -35.07 -7.75
CA GLY A 165 8.97 -35.17 -6.42
C GLY A 165 9.45 -33.82 -5.94
N ARG A 166 9.45 -33.62 -4.62
CA ARG A 166 9.75 -32.30 -4.00
C ARG A 166 11.28 -32.08 -3.97
N GLU A 167 12.08 -33.10 -4.30
CA GLU A 167 13.55 -32.92 -4.49
C GLU A 167 13.82 -32.06 -5.74
N HIS A 168 12.88 -31.97 -6.67
CA HIS A 168 13.07 -31.27 -7.97
C HIS A 168 12.02 -30.16 -8.19
N THR A 169 11.18 -29.84 -7.21
CA THR A 169 10.12 -28.82 -7.37
C THR A 169 10.10 -27.92 -6.14
N LEU A 170 9.94 -26.62 -6.38
CA LEU A 170 9.75 -25.55 -5.36
C LEU A 170 8.56 -24.69 -5.75
N PHE A 171 7.86 -24.17 -4.76
CA PHE A 171 6.79 -23.17 -4.92
C PHE A 171 7.31 -21.84 -4.40
N MET A 172 7.39 -20.84 -5.28
CA MET A 172 7.80 -19.46 -4.93
C MET A 172 6.57 -18.56 -5.06
N HIS A 173 6.15 -17.94 -3.97
CA HIS A 173 4.90 -17.16 -3.89
C HIS A 173 5.24 -15.70 -3.59
N LEU A 174 4.81 -14.80 -4.48
CA LEU A 174 4.95 -13.33 -4.32
C LEU A 174 3.70 -12.82 -3.61
N THR A 175 3.88 -11.90 -2.67
CA THR A 175 2.77 -11.19 -1.98
C THR A 175 3.10 -9.70 -1.92
N LEU A 176 2.10 -8.90 -1.57
CA LEU A 176 2.26 -7.48 -1.22
C LEU A 176 2.30 -7.36 0.30
N VAL A 177 3.31 -6.66 0.81
CA VAL A 177 3.43 -6.23 2.22
C VAL A 177 3.25 -4.71 2.21
N PRO A 178 1.99 -4.21 2.31
CA PRO A 178 1.72 -2.79 2.13
C PRO A 178 2.21 -1.99 3.36
N TYR A 179 2.55 -0.74 3.14
CA TYR A 179 2.93 0.24 4.18
C TYR A 179 1.70 1.05 4.56
N MET A 180 1.44 1.17 5.87
N MET A 180 1.43 1.17 5.87
CA MET A 180 0.33 1.97 6.45
CA MET A 180 0.32 2.00 6.41
C MET A 180 0.92 3.26 7.04
C MET A 180 0.91 3.26 7.03
N ALA A 181 0.69 4.41 6.37
CA ALA A 181 1.25 5.74 6.75
C ALA A 181 0.88 6.07 8.19
N ALA A 182 -0.36 5.83 8.60
CA ALA A 182 -0.90 6.27 9.91
C ALA A 182 -0.23 5.51 11.07
N SER A 183 0.24 4.28 10.86
CA SER A 183 0.94 3.47 11.89
C SER A 183 2.46 3.42 11.62
N GLY A 184 2.89 3.79 10.41
CA GLY A 184 4.31 3.72 10.00
C GLY A 184 4.85 2.30 9.98
N GLU A 185 3.96 1.29 9.83
CA GLU A 185 4.28 -0.16 9.78
C GLU A 185 4.06 -0.68 8.35
N VAL A 186 4.88 -1.63 7.91
CA VAL A 186 4.49 -2.53 6.78
C VAL A 186 3.74 -3.71 7.39
N LYS A 187 2.77 -4.25 6.65
CA LYS A 187 1.78 -5.22 7.18
C LYS A 187 2.00 -6.59 6.54
N THR A 188 2.15 -7.61 7.38
CA THR A 188 2.34 -9.03 6.97
C THR A 188 0.98 -9.74 6.85
N LYS A 189 -0.11 -9.14 7.32
CA LYS A 189 -1.41 -9.85 7.41
C LYS A 189 -1.82 -10.38 6.02
N PRO A 190 -1.80 -9.56 4.93
CA PRO A 190 -2.15 -10.06 3.60
C PRO A 190 -1.33 -11.27 3.15
N THR A 191 -0.03 -11.29 3.45
CA THR A 191 0.86 -12.45 3.20
C THR A 191 0.36 -13.65 3.99
N GLN A 192 0.06 -13.48 5.28
CA GLN A 192 -0.48 -14.55 6.15
C GLN A 192 -1.72 -15.15 5.49
N HIS A 193 -2.68 -14.30 5.09
CA HIS A 193 -3.98 -14.77 4.53
C HIS A 193 -3.76 -15.37 3.14
N SER A 194 -2.84 -14.84 2.34
CA SER A 194 -2.58 -15.32 0.95
C SER A 194 -1.97 -16.73 1.01
N VAL A 195 -1.03 -16.97 1.93
CA VAL A 195 -0.41 -18.31 2.10
C VAL A 195 -1.47 -19.33 2.53
N LYS A 196 -2.40 -18.98 3.42
CA LYS A 196 -3.52 -19.87 3.82
C LYS A 196 -4.39 -20.19 2.59
N GLU A 197 -4.66 -19.18 1.75
CA GLU A 197 -5.42 -19.36 0.49
C GLU A 197 -4.69 -20.36 -0.41
N LEU A 198 -3.36 -20.19 -0.59
CA LEU A 198 -2.54 -21.08 -1.45
C LEU A 198 -2.55 -22.51 -0.85
N LEU A 199 -2.40 -22.63 0.46
CA LEU A 199 -2.50 -23.92 1.17
C LEU A 199 -3.86 -24.59 0.94
N SER A 200 -4.94 -23.81 0.94
CA SER A 200 -6.34 -24.30 0.81
C SER A 200 -6.57 -24.93 -0.56
N ILE A 201 -5.72 -24.59 -1.53
N ILE A 201 -5.76 -24.63 -1.58
CA ILE A 201 -5.69 -25.12 -2.92
CA ILE A 201 -5.84 -25.33 -2.90
C ILE A 201 -4.78 -26.37 -2.95
C ILE A 201 -4.71 -26.36 -3.00
N GLY A 202 -3.99 -26.60 -1.90
CA GLY A 202 -3.13 -27.79 -1.75
C GLY A 202 -1.65 -27.48 -1.92
N ILE A 203 -1.26 -26.21 -1.93
CA ILE A 203 0.17 -25.82 -2.18
C ILE A 203 0.76 -25.18 -0.93
N GLN A 204 1.81 -25.78 -0.39
CA GLN A 204 2.66 -25.18 0.68
C GLN A 204 3.79 -24.43 -0.02
N PRO A 205 3.82 -23.08 0.04
CA PRO A 205 4.95 -22.34 -0.52
C PRO A 205 6.25 -22.69 0.21
N ASP A 206 7.36 -22.70 -0.52
CA ASP A 206 8.72 -22.98 -0.01
C ASP A 206 9.44 -21.66 0.18
N ILE A 207 9.16 -20.69 -0.68
CA ILE A 207 9.83 -19.35 -0.72
C ILE A 207 8.74 -18.29 -0.85
N LEU A 208 8.84 -17.24 -0.03
CA LEU A 208 7.95 -16.06 -0.08
C LEU A 208 8.76 -14.85 -0.54
N ILE A 209 8.35 -14.24 -1.66
CA ILE A 209 8.94 -12.98 -2.19
C ILE A 209 7.99 -11.85 -1.81
N CYS A 210 8.42 -10.97 -0.93
CA CYS A 210 7.59 -9.91 -0.32
C CYS A 210 7.81 -8.59 -1.06
N ARG A 211 6.87 -8.23 -1.91
CA ARG A 211 6.89 -6.94 -2.65
C ARG A 211 6.39 -5.86 -1.68
N SER A 212 7.11 -4.75 -1.64
CA SER A 212 6.78 -3.58 -0.79
C SER A 212 7.44 -2.33 -1.37
N ASP A 213 7.00 -1.15 -0.95
CA ASP A 213 7.57 0.14 -1.43
C ASP A 213 8.89 0.37 -0.70
N ARG A 214 9.26 -0.52 0.21
CA ARG A 214 10.49 -0.44 1.05
C ARG A 214 10.90 -1.86 1.48
N ALA A 215 12.12 -2.02 2.00
CA ALA A 215 12.63 -3.32 2.49
C ALA A 215 11.67 -3.83 3.57
N VAL A 216 11.38 -5.13 3.58
CA VAL A 216 10.60 -5.78 4.66
C VAL A 216 11.57 -6.12 5.77
N PRO A 217 11.49 -5.47 6.96
CA PRO A 217 12.46 -5.69 8.03
C PRO A 217 12.41 -7.12 8.62
N ALA A 218 13.42 -7.44 9.44
CA ALA A 218 13.71 -8.79 9.97
C ALA A 218 12.54 -9.30 10.81
N ASN A 219 11.97 -8.43 11.66
CA ASN A 219 10.83 -8.78 12.55
CA ASN A 219 10.82 -8.74 12.55
C ASN A 219 9.64 -9.22 11.69
N GLU A 220 9.30 -8.46 10.66
CA GLU A 220 8.16 -8.75 9.76
C GLU A 220 8.42 -10.06 9.00
N ARG A 221 9.63 -10.25 8.47
CA ARG A 221 10.02 -11.51 7.76
C ARG A 221 9.91 -12.69 8.73
N ALA A 222 10.39 -12.53 9.97
CA ALA A 222 10.32 -13.57 11.02
C ALA A 222 8.86 -13.93 11.29
N LYS A 223 7.98 -12.94 11.31
CA LYS A 223 6.54 -13.12 11.59
C LYS A 223 5.89 -13.89 10.44
N ILE A 224 6.21 -13.52 9.20
CA ILE A 224 5.73 -14.23 7.99
C ILE A 224 6.17 -15.70 8.09
N ALA A 225 7.45 -15.94 8.37
CA ALA A 225 8.05 -17.28 8.51
C ALA A 225 7.24 -18.09 9.54
N LEU A 226 6.99 -17.50 10.70
CA LEU A 226 6.30 -18.14 11.85
C LEU A 226 4.91 -18.64 11.42
N PHE A 227 4.15 -17.84 10.67
CA PHE A 227 2.73 -18.15 10.36
C PHE A 227 2.61 -18.98 9.07
N CYS A 228 3.64 -19.10 8.25
CA CYS A 228 3.52 -19.65 6.87
C CYS A 228 4.28 -20.97 6.67
N ASN A 229 4.90 -21.54 7.72
CA ASN A 229 5.66 -22.83 7.63
C ASN A 229 6.85 -22.66 6.69
N VAL A 230 7.40 -21.46 6.59
CA VAL A 230 8.53 -21.13 5.66
C VAL A 230 9.71 -20.72 6.52
N PRO A 231 10.92 -21.29 6.28
CA PRO A 231 12.13 -20.87 7.01
C PRO A 231 12.36 -19.38 6.81
N GLU A 232 12.87 -18.68 7.82
CA GLU A 232 13.10 -17.21 7.78
C GLU A 232 13.99 -16.85 6.60
N LYS A 233 14.98 -17.67 6.26
CA LYS A 233 15.94 -17.35 5.16
C LYS A 233 15.26 -17.53 3.80
N ALA A 234 14.06 -18.11 3.74
CA ALA A 234 13.30 -18.31 2.49
C ALA A 234 12.19 -17.24 2.37
N VAL A 235 12.18 -16.25 3.27
CA VAL A 235 11.31 -15.03 3.18
C VAL A 235 12.20 -13.88 2.68
N ILE A 236 11.99 -13.48 1.43
CA ILE A 236 12.87 -12.55 0.66
C ILE A 236 12.14 -11.21 0.52
N SER A 237 12.87 -10.10 0.69
N SER A 237 12.85 -10.10 0.78
CA SER A 237 12.38 -8.72 0.51
CA SER A 237 12.36 -8.73 0.48
C SER A 237 12.67 -8.26 -0.92
C SER A 237 12.65 -8.44 -1.01
N LEU A 238 11.64 -7.94 -1.71
CA LEU A 238 11.80 -7.43 -3.09
C LEU A 238 11.14 -6.06 -3.14
N LYS A 239 11.87 -5.04 -2.69
CA LYS A 239 11.35 -3.66 -2.53
C LYS A 239 11.20 -3.03 -3.92
N ASP A 240 10.44 -1.95 -4.00
CA ASP A 240 10.36 -1.11 -5.21
C ASP A 240 11.77 -0.57 -5.48
N VAL A 241 12.27 -0.70 -6.71
CA VAL A 241 13.62 -0.22 -7.13
C VAL A 241 13.43 0.79 -8.27
N ASP A 242 14.38 1.71 -8.43
CA ASP A 242 14.35 2.72 -9.53
C ASP A 242 14.69 2.04 -10.86
N SER A 243 15.34 0.87 -10.82
CA SER A 243 15.71 0.07 -12.02
C SER A 243 15.54 -1.43 -11.76
N ILE A 244 14.80 -2.12 -12.63
CA ILE A 244 14.54 -3.58 -12.49
C ILE A 244 15.87 -4.35 -12.63
N TYR A 245 16.91 -3.73 -13.20
CA TYR A 245 18.23 -4.39 -13.44
C TYR A 245 18.97 -4.62 -12.12
N LYS A 246 18.54 -3.94 -11.04
CA LYS A 246 19.10 -4.12 -9.67
C LYS A 246 18.54 -5.39 -9.03
N ILE A 247 17.45 -5.95 -9.54
CA ILE A 247 16.69 -7.01 -8.82
C ILE A 247 17.55 -8.28 -8.71
N PRO A 248 18.28 -8.72 -9.75
CA PRO A 248 19.15 -9.89 -9.62
C PRO A 248 20.11 -9.77 -8.42
N GLY A 249 20.78 -8.64 -8.29
CA GLY A 249 21.73 -8.36 -7.19
C GLY A 249 21.04 -8.40 -5.83
N LEU A 250 19.86 -7.79 -5.72
N LEU A 250 19.86 -7.77 -5.75
CA LEU A 250 19.08 -7.68 -4.45
CA LEU A 250 19.04 -7.66 -4.51
C LEU A 250 18.63 -9.07 -4.00
C LEU A 250 18.65 -9.06 -4.01
N LEU A 251 18.23 -9.93 -4.93
CA LEU A 251 17.83 -11.33 -4.61
C LEU A 251 19.07 -12.14 -4.25
N LYS A 252 20.17 -11.96 -4.98
CA LYS A 252 21.44 -12.70 -4.69
C LYS A 252 21.94 -12.34 -3.29
N SER A 253 21.89 -11.06 -2.91
CA SER A 253 22.41 -10.57 -1.60
C SER A 253 21.61 -11.20 -0.46
N GLN A 254 20.41 -11.73 -0.73
CA GLN A 254 19.55 -12.39 0.30
C GLN A 254 19.67 -13.92 0.19
N GLY A 255 20.61 -14.42 -0.61
CA GLY A 255 20.93 -15.85 -0.68
C GLY A 255 19.83 -16.67 -1.35
N LEU A 256 18.96 -16.07 -2.16
CA LEU A 256 17.81 -16.78 -2.80
C LEU A 256 18.34 -17.90 -3.70
N ASP A 257 19.32 -17.60 -4.56
CA ASP A 257 19.88 -18.58 -5.52
C ASP A 257 20.63 -19.68 -4.77
N ASP A 258 21.28 -19.37 -3.64
CA ASP A 258 21.95 -20.37 -2.76
C ASP A 258 20.89 -21.35 -2.22
N TYR A 259 19.77 -20.83 -1.75
CA TYR A 259 18.66 -21.65 -1.18
C TYR A 259 18.16 -22.62 -2.25
N ILE A 260 17.92 -22.12 -3.47
CA ILE A 260 17.41 -22.92 -4.60
C ILE A 260 18.44 -23.99 -4.99
N CYS A 261 19.72 -23.62 -5.13
CA CYS A 261 20.80 -24.54 -5.54
C CYS A 261 20.98 -25.65 -4.49
N LYS A 262 20.78 -25.32 -3.21
CA LYS A 262 20.84 -26.30 -2.11
C LYS A 262 19.64 -27.27 -2.19
N ARG A 263 18.43 -26.73 -2.34
N ARG A 263 18.43 -26.74 -2.34
CA ARG A 263 17.17 -27.52 -2.41
CA ARG A 263 17.18 -27.55 -2.41
C ARG A 263 17.24 -28.49 -3.59
C ARG A 263 17.24 -28.51 -3.60
N PHE A 264 17.86 -28.09 -4.71
CA PHE A 264 17.94 -28.88 -5.96
C PHE A 264 19.27 -29.65 -6.07
N SER A 265 20.10 -29.62 -5.01
CA SER A 265 21.45 -30.25 -4.98
C SER A 265 22.22 -29.86 -6.25
N LEU A 266 22.25 -28.58 -6.60
CA LEU A 266 23.02 -28.03 -7.74
C LEU A 266 24.33 -27.47 -7.20
N ASN A 267 25.45 -28.09 -7.56
CA ASN A 267 26.81 -27.62 -7.21
C ASN A 267 27.30 -26.77 -8.38
N CYS A 268 27.28 -25.45 -8.23
CA CYS A 268 27.66 -24.50 -9.30
C CYS A 268 28.34 -23.28 -8.68
N PRO A 269 29.22 -22.59 -9.44
CA PRO A 269 29.92 -21.43 -8.91
C PRO A 269 28.97 -20.29 -8.56
N GLU A 270 29.43 -19.39 -7.67
CA GLU A 270 28.72 -18.16 -7.28
C GLU A 270 28.31 -17.39 -8.55
N ALA A 271 27.12 -16.79 -8.53
CA ALA A 271 26.59 -15.94 -9.63
C ALA A 271 27.59 -14.80 -9.89
N ASN A 272 28.06 -14.70 -11.14
CA ASN A 272 28.85 -13.55 -11.65
C ASN A 272 27.88 -12.55 -12.29
N LEU A 273 27.50 -11.52 -11.52
CA LEU A 273 26.53 -10.46 -11.94
C LEU A 273 27.28 -9.23 -12.47
N SER A 274 28.55 -9.37 -12.85
CA SER A 274 29.40 -8.24 -13.30
C SER A 274 28.72 -7.50 -14.46
N GLU A 275 28.04 -8.20 -15.36
CA GLU A 275 27.34 -7.58 -16.52
C GLU A 275 26.16 -6.73 -16.03
N TRP A 276 25.45 -7.18 -15.00
CA TRP A 276 24.32 -6.40 -14.40
C TRP A 276 24.90 -5.21 -13.63
N GLU A 277 25.97 -5.42 -12.89
CA GLU A 277 26.70 -4.32 -12.19
C GLU A 277 27.08 -3.24 -13.19
N GLN A 278 27.52 -3.62 -14.39
CA GLN A 278 27.92 -2.67 -15.47
C GLN A 278 26.67 -1.91 -15.93
N VAL A 279 25.55 -2.60 -16.15
CA VAL A 279 24.26 -2.00 -16.60
C VAL A 279 23.79 -0.97 -15.58
N ILE A 280 23.80 -1.33 -14.29
CA ILE A 280 23.34 -0.46 -13.16
C ILE A 280 24.25 0.79 -13.11
N PHE A 281 25.56 0.59 -13.18
CA PHE A 281 26.56 1.68 -13.25
C PHE A 281 26.25 2.62 -14.41
N GLU A 282 26.13 2.08 -15.63
CA GLU A 282 25.89 2.88 -16.86
C GLU A 282 24.68 3.78 -16.65
N GLU A 283 23.59 3.21 -16.14
CA GLU A 283 22.28 3.88 -15.92
C GLU A 283 22.42 5.04 -14.94
N ALA A 284 23.19 4.85 -13.85
CA ALA A 284 23.36 5.84 -12.76
C ALA A 284 24.34 6.95 -13.18
N ASN A 285 25.08 6.79 -14.27
CA ASN A 285 26.21 7.71 -14.63
C ASN A 285 26.11 8.15 -16.10
N PRO A 286 24.99 8.80 -16.50
CA PRO A 286 24.88 9.41 -17.82
C PRO A 286 25.71 10.71 -17.88
N VAL A 287 26.38 10.96 -19.01
CA VAL A 287 27.28 12.14 -19.21
C VAL A 287 26.48 13.30 -19.80
N SER A 288 25.43 13.01 -20.59
CA SER A 288 24.54 14.02 -21.21
C SER A 288 23.11 13.48 -21.27
N GLU A 289 22.14 14.36 -21.57
CA GLU A 289 20.69 14.04 -21.63
C GLU A 289 20.14 14.40 -23.01
N VAL A 290 19.18 13.62 -23.50
CA VAL A 290 18.41 13.85 -24.76
C VAL A 290 16.91 13.70 -24.46
N THR A 291 16.07 14.42 -25.20
CA THR A 291 14.60 14.22 -25.24
C THR A 291 14.25 13.59 -26.60
N ILE A 292 13.76 12.34 -26.59
CA ILE A 292 13.29 11.62 -27.81
C ILE A 292 11.77 11.51 -27.72
N GLY A 293 11.08 12.05 -28.72
CA GLY A 293 9.62 12.01 -28.83
C GLY A 293 9.17 10.72 -29.49
N MET A 294 8.36 9.91 -28.79
N MET A 294 8.35 9.93 -28.79
CA MET A 294 7.69 8.71 -29.36
CA MET A 294 7.67 8.71 -29.32
C MET A 294 6.26 9.10 -29.74
C MET A 294 6.25 9.11 -29.74
N VAL A 295 6.02 9.24 -31.05
CA VAL A 295 4.74 9.76 -31.63
C VAL A 295 3.93 8.58 -32.17
N GLY A 296 2.85 8.21 -31.49
CA GLY A 296 2.05 7.02 -31.80
C GLY A 296 0.58 7.19 -31.41
N LYS A 297 -0.19 6.12 -31.53
CA LYS A 297 -1.67 6.14 -31.38
C LYS A 297 -2.13 5.33 -30.16
N TYR A 298 -1.20 4.78 -29.36
CA TYR A 298 -1.50 3.93 -28.18
C TYR A 298 -0.85 4.49 -26.90
N ILE A 299 -0.40 5.75 -26.89
CA ILE A 299 0.42 6.32 -25.80
C ILE A 299 -0.39 6.39 -24.50
N GLU A 300 -1.72 6.30 -24.58
CA GLU A 300 -2.65 6.22 -23.43
C GLU A 300 -2.33 4.99 -22.56
N LEU A 301 -1.71 3.94 -23.13
CA LEU A 301 -1.08 2.83 -22.37
C LEU A 301 0.37 2.67 -22.81
N PRO A 302 1.35 3.25 -22.06
CA PRO A 302 2.78 3.08 -22.38
C PRO A 302 3.27 1.64 -22.58
N ASP A 303 2.65 0.65 -21.91
CA ASP A 303 3.02 -0.79 -21.99
C ASP A 303 2.75 -1.32 -23.41
N ALA A 304 1.94 -0.61 -24.20
CA ALA A 304 1.77 -0.87 -25.66
C ALA A 304 3.11 -0.78 -26.38
N TYR A 305 4.06 -0.03 -25.82
CA TYR A 305 5.40 0.22 -26.39
C TYR A 305 6.50 -0.25 -25.41
N LYS A 306 6.21 -1.29 -24.64
CA LYS A 306 7.13 -1.76 -23.56
C LYS A 306 8.55 -1.94 -24.11
N SER A 307 8.72 -2.79 -25.11
CA SER A 307 10.05 -3.17 -25.66
C SER A 307 10.73 -1.98 -26.34
N VAL A 308 9.95 -1.08 -26.95
CA VAL A 308 10.47 0.14 -27.64
C VAL A 308 11.05 1.07 -26.56
N ILE A 309 10.29 1.34 -25.50
CA ILE A 309 10.73 2.19 -24.36
C ILE A 309 12.01 1.59 -23.75
N GLU A 310 12.06 0.26 -23.57
CA GLU A 310 13.26 -0.43 -23.00
C GLU A 310 14.44 -0.29 -23.97
N ALA A 311 14.23 -0.48 -25.28
CA ALA A 311 15.28 -0.43 -26.32
C ALA A 311 15.92 0.97 -26.37
N LEU A 312 15.12 2.02 -26.17
CA LEU A 312 15.57 3.43 -26.10
C LEU A 312 16.49 3.59 -24.88
N LYS A 313 16.04 3.12 -23.71
CA LYS A 313 16.84 3.11 -22.45
C LYS A 313 18.18 2.41 -22.70
N HIS A 314 18.18 1.24 -23.36
CA HIS A 314 19.41 0.44 -23.64
C HIS A 314 20.31 1.20 -24.63
N GLY A 315 19.71 1.91 -25.58
CA GLY A 315 20.43 2.84 -26.49
C GLY A 315 21.21 3.86 -25.70
N GLY A 316 20.57 4.44 -24.67
CA GLY A 316 21.17 5.38 -23.71
C GLY A 316 22.34 4.78 -22.94
N LEU A 317 22.21 3.52 -22.47
CA LEU A 317 23.27 2.82 -21.69
C LEU A 317 24.56 2.76 -22.51
N LYS A 318 24.44 2.40 -23.80
CA LYS A 318 25.59 2.11 -24.69
C LYS A 318 26.33 3.40 -25.08
N ASN A 319 25.65 4.57 -25.03
CA ASN A 319 26.22 5.89 -25.39
C ASN A 319 26.42 6.73 -24.12
N ARG A 320 26.06 6.20 -22.95
CA ARG A 320 26.12 6.89 -21.63
C ARG A 320 25.31 8.19 -21.70
N VAL A 321 24.08 8.08 -22.24
CA VAL A 321 23.11 9.19 -22.41
C VAL A 321 21.83 8.83 -21.64
N SER A 322 21.33 9.77 -20.82
CA SER A 322 19.99 9.70 -20.19
C SER A 322 18.94 10.07 -21.25
N VAL A 323 17.93 9.22 -21.44
CA VAL A 323 16.87 9.39 -22.48
C VAL A 323 15.56 9.77 -21.79
N ASN A 324 15.13 11.02 -21.93
CA ASN A 324 13.81 11.54 -21.51
C ASN A 324 12.81 11.23 -22.63
N ILE A 325 12.05 10.14 -22.49
CA ILE A 325 11.06 9.65 -23.51
C ILE A 325 9.77 10.44 -23.32
N LYS A 326 9.41 11.26 -24.31
CA LYS A 326 8.14 12.04 -24.32
C LYS A 326 7.13 11.31 -25.22
N LEU A 327 6.08 10.74 -24.61
CA LEU A 327 4.97 10.06 -25.32
C LEU A 327 4.02 11.14 -25.88
N ILE A 328 3.92 11.26 -27.20
CA ILE A 328 3.08 12.27 -27.88
C ILE A 328 2.00 11.56 -28.72
N ASP A 329 0.73 11.85 -28.43
CA ASP A 329 -0.45 11.35 -29.19
C ASP A 329 -0.37 11.92 -30.61
N SER A 330 -0.27 11.05 -31.62
CA SER A 330 -0.12 11.44 -33.06
C SER A 330 -1.35 12.25 -33.51
N GLN A 331 -2.51 12.04 -32.89
CA GLN A 331 -3.77 12.78 -33.21
C GLN A 331 -3.66 14.24 -32.76
N ASP A 332 -2.83 14.53 -31.76
CA ASP A 332 -2.54 15.92 -31.30
C ASP A 332 -1.76 16.67 -32.39
N VAL A 333 -0.97 15.95 -33.20
CA VAL A 333 -0.20 16.53 -34.35
C VAL A 333 -1.20 16.92 -35.45
N GLU A 334 -2.20 16.06 -35.71
CA GLU A 334 -3.32 16.36 -36.64
C GLU A 334 -4.05 17.62 -36.17
N THR A 335 -4.35 17.71 -34.87
CA THR A 335 -5.21 18.76 -34.25
C THR A 335 -4.45 20.08 -34.11
N ARG A 336 -3.30 20.08 -33.42
CA ARG A 336 -2.60 21.31 -32.94
C ARG A 336 -1.32 21.57 -33.73
N GLY A 337 -1.03 20.77 -34.77
CA GLY A 337 0.09 21.01 -35.71
C GLY A 337 1.43 20.59 -35.13
N VAL A 338 2.53 20.90 -35.85
CA VAL A 338 3.90 20.37 -35.61
C VAL A 338 4.61 21.15 -34.49
N GLU A 339 3.91 22.05 -33.79
CA GLU A 339 4.47 22.87 -32.68
C GLU A 339 4.76 21.97 -31.47
N ILE A 340 3.99 20.87 -31.30
CA ILE A 340 4.13 19.93 -30.15
C ILE A 340 5.30 18.94 -30.40
N LEU A 341 6.01 19.08 -31.52
CA LEU A 341 7.19 18.25 -31.88
C LEU A 341 8.49 19.05 -31.68
N LYS A 342 8.41 20.25 -31.11
CA LYS A 342 9.59 21.13 -30.86
C LYS A 342 10.15 20.82 -29.47
N GLY A 343 11.47 20.99 -29.30
CA GLY A 343 12.21 20.62 -28.09
C GLY A 343 12.55 19.13 -28.06
N LEU A 344 12.42 18.45 -29.21
CA LEU A 344 12.77 17.02 -29.39
C LEU A 344 14.15 16.91 -30.05
N ASP A 345 15.04 16.10 -29.49
CA ASP A 345 16.41 15.83 -30.01
C ASP A 345 16.35 14.66 -31.00
N ALA A 346 15.24 13.93 -31.03
CA ALA A 346 15.00 12.80 -31.96
C ALA A 346 13.51 12.43 -31.93
N ILE A 347 13.05 11.73 -32.96
CA ILE A 347 11.62 11.34 -33.13
C ILE A 347 11.57 9.86 -33.51
N LEU A 348 10.82 9.07 -32.76
CA LEU A 348 10.52 7.65 -33.06
C LEU A 348 9.02 7.52 -33.31
N VAL A 349 8.64 6.93 -34.44
CA VAL A 349 7.23 6.53 -34.73
C VAL A 349 7.19 5.00 -34.73
N PRO A 350 6.58 4.38 -33.69
CA PRO A 350 6.57 2.93 -33.55
C PRO A 350 5.47 2.25 -34.40
N GLY A 351 5.29 0.94 -34.20
CA GLY A 351 4.29 0.13 -34.90
C GLY A 351 2.86 0.51 -34.53
N GLY A 352 1.91 0.01 -35.31
CA GLY A 352 0.45 0.20 -35.10
C GLY A 352 -0.34 -0.23 -36.32
N PHE A 353 -1.66 -0.37 -36.15
CA PHE A 353 -2.63 -0.76 -37.21
C PHE A 353 -3.80 0.25 -37.18
N GLY A 354 -4.51 0.38 -38.30
CA GLY A 354 -5.67 1.29 -38.42
C GLY A 354 -5.24 2.72 -38.70
N TYR A 355 -6.09 3.48 -39.39
CA TYR A 355 -5.80 4.82 -39.95
C TYR A 355 -5.72 5.87 -38.84
N ARG A 356 -6.43 5.66 -37.73
CA ARG A 356 -6.56 6.65 -36.62
C ARG A 356 -5.17 7.13 -36.19
N GLY A 357 -4.87 8.41 -36.38
CA GLY A 357 -3.64 9.07 -35.91
C GLY A 357 -2.48 8.94 -36.90
N VAL A 358 -2.70 8.26 -38.04
CA VAL A 358 -1.62 7.96 -39.03
C VAL A 358 -1.21 9.24 -39.78
N GLU A 359 -2.17 10.12 -40.09
CA GLU A 359 -1.89 11.40 -40.80
C GLU A 359 -0.96 12.26 -39.93
N GLY A 360 -1.18 12.26 -38.62
CA GLY A 360 -0.29 12.92 -37.63
C GLY A 360 1.12 12.38 -37.71
N MET A 361 1.26 11.06 -37.88
CA MET A 361 2.56 10.34 -37.95
C MET A 361 3.29 10.71 -39.26
N ILE A 362 2.55 10.74 -40.38
CA ILE A 362 3.08 11.14 -41.72
C ILE A 362 3.64 12.57 -41.61
N THR A 363 2.88 13.48 -41.00
CA THR A 363 3.26 14.89 -40.75
C THR A 363 4.50 14.93 -39.84
N THR A 364 4.57 14.02 -38.86
CA THR A 364 5.69 13.89 -37.89
C THR A 364 6.96 13.47 -38.65
N ALA A 365 6.85 12.47 -39.52
CA ALA A 365 7.97 11.97 -40.37
C ALA A 365 8.46 13.12 -41.28
N ARG A 366 7.54 13.91 -41.82
CA ARG A 366 7.83 15.10 -42.66
C ARG A 366 8.67 16.09 -41.84
N PHE A 367 8.15 16.50 -40.68
CA PHE A 367 8.78 17.47 -39.75
C PHE A 367 10.21 17.03 -39.44
N ALA A 368 10.41 15.74 -39.15
CA ALA A 368 11.71 15.15 -38.75
C ALA A 368 12.69 15.16 -39.93
N ARG A 369 12.19 14.85 -41.14
CA ARG A 369 12.99 14.82 -42.39
C ARG A 369 13.41 16.25 -42.78
N GLU A 370 12.48 17.21 -42.72
CA GLU A 370 12.67 18.60 -43.23
C GLU A 370 13.54 19.41 -42.25
N ASN A 371 13.48 19.10 -40.95
CA ASN A 371 14.18 19.87 -39.88
C ASN A 371 15.45 19.13 -39.45
N ASN A 372 15.84 18.06 -40.14
CA ASN A 372 17.06 17.25 -39.86
C ASN A 372 17.04 16.77 -38.40
N ILE A 373 15.86 16.39 -37.89
CA ILE A 373 15.69 15.78 -36.53
C ILE A 373 15.81 14.27 -36.70
N PRO A 374 16.74 13.61 -35.97
CA PRO A 374 16.90 12.15 -36.03
C PRO A 374 15.57 11.39 -35.96
N TYR A 375 15.41 10.37 -36.81
CA TYR A 375 14.15 9.61 -37.01
C TYR A 375 14.44 8.11 -37.03
N LEU A 376 13.69 7.36 -36.21
CA LEU A 376 13.59 5.88 -36.30
C LEU A 376 12.11 5.52 -36.46
N GLY A 377 11.77 4.93 -37.61
CA GLY A 377 10.43 4.42 -37.93
C GLY A 377 10.40 2.92 -37.81
N ILE A 378 9.42 2.38 -37.07
CA ILE A 378 9.30 0.90 -36.87
C ILE A 378 7.95 0.46 -37.43
N CYS A 379 8.01 -0.43 -38.43
CA CYS A 379 6.83 -1.00 -39.11
C CYS A 379 5.96 0.14 -39.66
N LEU A 380 4.85 0.50 -39.00
CA LEU A 380 3.99 1.65 -39.38
C LEU A 380 4.86 2.91 -39.52
N GLY A 381 5.84 3.07 -38.63
CA GLY A 381 6.81 4.19 -38.63
C GLY A 381 7.62 4.26 -39.91
N MET A 382 7.86 3.12 -40.56
CA MET A 382 8.51 3.06 -41.90
C MET A 382 7.47 3.42 -42.98
N GLN A 383 6.27 2.87 -42.88
CA GLN A 383 5.15 3.13 -43.82
C GLN A 383 4.92 4.64 -43.94
N VAL A 384 4.83 5.36 -42.80
CA VAL A 384 4.54 6.83 -42.78
C VAL A 384 5.74 7.60 -43.33
N ALA A 385 6.97 7.09 -43.16
CA ALA A 385 8.22 7.68 -43.71
C ALA A 385 8.23 7.53 -45.24
N LEU A 386 7.81 6.37 -45.77
CA LEU A 386 7.70 6.13 -47.23
C LEU A 386 6.61 7.04 -47.80
N ILE A 387 5.46 7.09 -47.14
CA ILE A 387 4.26 7.89 -47.54
C ILE A 387 4.62 9.38 -47.56
N ASP A 388 5.34 9.86 -46.53
CA ASP A 388 5.84 11.26 -46.45
C ASP A 388 6.68 11.56 -47.70
N TYR A 389 7.75 10.76 -47.91
CA TYR A 389 8.74 10.94 -48.99
C TYR A 389 8.07 10.82 -50.36
N ALA A 390 7.10 9.91 -50.50
CA ALA A 390 6.31 9.70 -51.73
C ALA A 390 5.51 10.97 -52.04
N ARG A 391 4.82 11.53 -51.04
CA ARG A 391 3.91 12.70 -51.17
C ARG A 391 4.72 13.97 -51.49
N HIS A 392 5.70 14.29 -50.64
CA HIS A 392 6.29 15.65 -50.52
C HIS A 392 7.63 15.77 -51.25
N VAL A 393 8.21 14.66 -51.74
CA VAL A 393 9.52 14.67 -52.47
C VAL A 393 9.36 14.02 -53.85
N ALA A 394 8.68 12.88 -53.94
CA ALA A 394 8.42 12.13 -55.21
C ALA A 394 7.14 12.64 -55.88
N ASN A 395 6.45 13.60 -55.27
CA ASN A 395 5.30 14.36 -55.86
C ASN A 395 4.17 13.38 -56.21
N MET A 396 3.85 12.45 -55.32
CA MET A 396 2.73 11.47 -55.45
C MET A 396 1.60 11.88 -54.51
N GLU A 397 0.73 12.78 -54.97
CA GLU A 397 -0.35 13.42 -54.17
C GLU A 397 -1.23 12.32 -53.54
N ASN A 398 -1.46 12.43 -52.22
CA ASN A 398 -2.38 11.57 -51.43
C ASN A 398 -1.86 10.12 -51.37
N ALA A 399 -0.57 9.91 -51.64
CA ALA A 399 0.10 8.59 -51.52
C ALA A 399 -0.17 8.04 -50.12
N ASN A 400 -0.59 6.77 -50.03
CA ASN A 400 -1.12 6.19 -48.78
C ASN A 400 -0.91 4.67 -48.79
N SER A 401 -1.37 4.00 -47.74
CA SER A 401 -1.47 2.52 -47.65
C SER A 401 -2.89 2.10 -48.03
N THR A 402 -3.04 0.92 -48.63
CA THR A 402 -4.35 0.29 -48.94
C THR A 402 -5.08 -0.05 -47.64
N GLU A 403 -4.34 -0.21 -46.53
CA GLU A 403 -4.92 -0.45 -45.18
C GLU A 403 -5.85 0.71 -44.81
N PHE A 404 -5.48 1.93 -45.19
CA PHE A 404 -6.11 3.20 -44.75
C PHE A 404 -7.06 3.71 -45.84
N VAL A 405 -6.53 3.94 -47.05
CA VAL A 405 -7.30 4.39 -48.25
C VAL A 405 -7.16 3.32 -49.32
N PRO A 406 -8.05 2.29 -49.33
CA PRO A 406 -7.91 1.15 -50.23
C PRO A 406 -7.82 1.47 -51.73
N ASP A 407 -8.54 2.51 -52.18
N ASP A 407 -8.53 2.53 -52.17
CA ASP A 407 -8.68 2.89 -53.61
CA ASP A 407 -8.71 2.92 -53.59
C ASP A 407 -7.90 4.19 -53.89
C ASP A 407 -7.87 4.16 -53.92
N CYS A 408 -6.79 4.41 -53.18
CA CYS A 408 -5.89 5.59 -53.39
C CYS A 408 -5.11 5.40 -54.68
N LYS A 409 -4.68 6.50 -55.32
CA LYS A 409 -4.01 6.49 -56.64
C LYS A 409 -2.61 5.85 -56.51
N TYR A 410 -1.85 6.24 -55.48
CA TYR A 410 -0.47 5.76 -55.21
C TYR A 410 -0.45 4.91 -53.94
N PRO A 411 -0.84 3.61 -53.99
CA PRO A 411 -0.70 2.70 -52.85
C PRO A 411 0.77 2.27 -52.67
N VAL A 412 1.62 3.17 -52.17
CA VAL A 412 3.09 2.94 -51.98
C VAL A 412 3.29 1.84 -50.93
N VAL A 413 2.28 1.63 -50.07
CA VAL A 413 2.22 0.52 -49.08
C VAL A 413 0.92 -0.26 -49.36
N ALA A 414 1.03 -1.57 -49.56
CA ALA A 414 -0.12 -2.47 -49.84
C ALA A 414 0.29 -3.92 -49.63
N LEU A 415 -0.71 -4.81 -49.47
CA LEU A 415 -0.51 -6.29 -49.45
C LEU A 415 0.16 -6.68 -50.78
N ILE A 416 0.96 -7.76 -50.77
CA ILE A 416 1.66 -8.30 -51.97
C ILE A 416 0.62 -8.55 -53.08
N THR A 417 -0.54 -9.10 -52.72
CA THR A 417 -1.65 -9.46 -53.64
C THR A 417 -2.25 -8.19 -54.27
N GLU A 418 -2.26 -7.07 -53.53
CA GLU A 418 -2.93 -5.79 -53.92
C GLU A 418 -2.01 -4.92 -54.78
N TRP A 419 -0.72 -5.25 -54.90
CA TRP A 419 0.30 -4.42 -55.60
C TRP A 419 -0.25 -3.97 -56.96
N ARG A 420 -0.26 -2.66 -57.20
CA ARG A 420 -0.66 -2.01 -58.48
C ARG A 420 0.12 -0.70 -58.64
N ASP A 421 0.11 -0.11 -59.84
CA ASP A 421 0.72 1.22 -60.11
C ASP A 421 -0.37 2.29 -60.08
N GLU A 422 -0.03 3.53 -60.39
CA GLU A 422 -0.93 4.72 -60.36
C GLU A 422 -2.05 4.59 -61.42
N ASN A 423 -1.86 3.73 -62.44
CA ASN A 423 -2.82 3.54 -63.56
C ASN A 423 -3.74 2.35 -63.30
N GLY A 424 -3.44 1.53 -62.27
CA GLY A 424 -4.23 0.34 -61.90
C GLY A 424 -3.66 -0.94 -62.48
N ASN A 425 -2.48 -0.86 -63.12
CA ASN A 425 -1.76 -2.03 -63.72
C ASN A 425 -1.19 -2.91 -62.60
N VAL A 426 -1.22 -4.23 -62.81
CA VAL A 426 -0.73 -5.26 -61.85
C VAL A 426 0.41 -6.05 -62.52
N GLU A 427 1.06 -6.94 -61.77
CA GLU A 427 2.13 -7.85 -62.26
C GLU A 427 1.51 -9.14 -62.77
N VAL A 428 2.17 -9.81 -63.73
CA VAL A 428 1.65 -11.01 -64.47
C VAL A 428 1.25 -12.11 -63.48
N GLY A 437 -1.18 -16.78 -47.05
CA GLY A 437 -0.34 -16.24 -45.98
C GLY A 437 0.30 -14.92 -46.38
N THR A 438 -0.24 -13.80 -45.87
CA THR A 438 0.28 -12.42 -46.09
C THR A 438 0.98 -11.91 -44.82
N MET A 439 0.53 -12.33 -43.63
CA MET A 439 1.08 -11.90 -42.32
C MET A 439 2.50 -12.47 -42.15
N ARG A 440 3.49 -11.61 -41.94
CA ARG A 440 4.91 -12.01 -41.70
C ARG A 440 5.17 -11.91 -40.18
N LEU A 441 5.54 -13.05 -39.58
CA LEU A 441 5.70 -13.24 -38.12
C LEU A 441 7.04 -13.91 -37.81
N GLY A 442 7.83 -13.31 -36.91
CA GLY A 442 9.01 -13.95 -36.32
C GLY A 442 10.29 -13.65 -37.08
N ALA A 443 11.32 -14.45 -36.83
CA ALA A 443 12.71 -14.25 -37.34
C ALA A 443 12.69 -14.34 -38.87
N GLN A 444 13.32 -13.36 -39.52
CA GLN A 444 13.50 -13.29 -41.00
C GLN A 444 14.94 -12.83 -41.27
N GLN A 445 15.71 -13.61 -42.04
CA GLN A 445 17.04 -13.18 -42.52
C GLN A 445 16.83 -12.04 -43.52
N CYS A 446 17.50 -10.91 -43.30
N CYS A 446 17.54 -10.93 -43.33
CA CYS A 446 17.42 -9.67 -44.12
CA CYS A 446 17.43 -9.67 -44.11
C CYS A 446 18.81 -9.34 -44.67
C CYS A 446 18.81 -9.30 -44.67
N GLN A 447 18.90 -9.11 -45.99
CA GLN A 447 20.16 -8.71 -46.68
C GLN A 447 20.29 -7.18 -46.64
N LEU A 448 21.37 -6.67 -46.07
CA LEU A 448 21.65 -5.21 -45.95
C LEU A 448 22.41 -4.74 -47.20
N VAL A 449 22.29 -3.45 -47.53
CA VAL A 449 22.85 -2.81 -48.75
C VAL A 449 24.19 -2.16 -48.40
N ASP A 450 25.24 -2.44 -49.18
CA ASP A 450 26.61 -1.90 -48.97
C ASP A 450 26.55 -0.36 -48.91
N ASP A 451 27.29 0.25 -47.99
CA ASP A 451 27.45 1.72 -47.83
C ASP A 451 26.21 2.33 -47.17
N SER A 452 25.17 1.54 -46.88
CA SER A 452 23.98 1.97 -46.10
C SER A 452 24.42 2.21 -44.65
N LEU A 453 23.76 3.15 -43.98
CA LEU A 453 23.98 3.51 -42.55
C LEU A 453 23.73 2.28 -41.65
N VAL A 454 22.88 1.32 -42.06
CA VAL A 454 22.52 0.12 -41.25
C VAL A 454 23.52 -1.01 -41.49
N ARG A 455 24.07 -1.13 -42.71
CA ARG A 455 25.14 -2.11 -43.03
C ARG A 455 26.31 -1.86 -42.08
N GLN A 456 26.59 -0.58 -41.82
CA GLN A 456 27.65 -0.10 -40.89
C GLN A 456 27.31 -0.58 -39.48
N LEU A 457 26.17 -0.13 -38.94
CA LEU A 457 25.76 -0.30 -37.53
C LEU A 457 25.72 -1.80 -37.18
N TYR A 458 25.19 -2.64 -38.06
CA TYR A 458 25.00 -4.10 -37.84
C TYR A 458 26.30 -4.88 -38.12
N ASN A 459 27.20 -4.37 -38.97
CA ASN A 459 28.48 -5.02 -39.35
C ASN A 459 28.24 -6.46 -39.83
N ALA A 460 27.35 -6.65 -40.79
CA ALA A 460 27.10 -7.97 -41.42
C ALA A 460 26.37 -7.80 -42.75
N PRO A 461 26.59 -8.70 -43.72
CA PRO A 461 25.81 -8.69 -44.96
C PRO A 461 24.36 -9.10 -44.73
N THR A 462 24.13 -10.01 -43.77
CA THR A 462 22.80 -10.53 -43.38
C THR A 462 22.58 -10.35 -41.87
N ILE A 463 21.34 -10.01 -41.50
CA ILE A 463 20.87 -9.85 -40.08
C ILE A 463 19.58 -10.66 -39.92
N VAL A 464 19.23 -11.00 -38.68
CA VAL A 464 17.96 -11.67 -38.31
C VAL A 464 17.19 -10.73 -37.38
N GLU A 465 16.03 -10.25 -37.82
CA GLU A 465 15.08 -9.46 -36.99
C GLU A 465 13.69 -10.07 -37.13
N ARG A 466 12.74 -9.58 -36.33
CA ARG A 466 11.42 -10.21 -36.16
C ARG A 466 10.33 -9.30 -36.72
N HIS A 467 9.40 -9.89 -37.48
CA HIS A 467 8.26 -9.20 -38.14
C HIS A 467 6.95 -9.48 -37.42
N ARG A 468 6.05 -8.51 -37.47
CA ARG A 468 4.60 -8.67 -37.18
C ARG A 468 3.85 -7.65 -38.04
N HIS A 469 3.65 -7.97 -39.31
CA HIS A 469 3.05 -7.03 -40.30
C HIS A 469 2.59 -7.77 -41.55
N ARG A 470 1.72 -7.10 -42.29
CA ARG A 470 0.94 -7.60 -43.46
C ARG A 470 1.23 -6.71 -44.66
N TYR A 471 1.17 -5.39 -44.45
CA TYR A 471 1.26 -4.32 -45.48
C TYR A 471 2.73 -4.05 -45.81
N GLU A 472 3.12 -4.32 -47.06
CA GLU A 472 4.52 -4.23 -47.56
C GLU A 472 4.71 -2.93 -48.34
N VAL A 473 5.96 -2.59 -48.65
CA VAL A 473 6.28 -1.53 -49.65
C VAL A 473 5.89 -2.07 -51.02
N ASN A 474 5.08 -1.31 -51.75
CA ASN A 474 4.65 -1.62 -53.14
C ASN A 474 5.86 -1.43 -54.07
N ASN A 475 6.44 -2.52 -54.58
CA ASN A 475 7.64 -2.53 -55.44
C ASN A 475 7.33 -1.89 -56.81
N MET A 476 6.06 -1.84 -57.20
CA MET A 476 5.61 -1.25 -58.50
C MET A 476 5.73 0.28 -58.46
N LEU A 477 5.70 0.90 -57.28
CA LEU A 477 5.81 2.37 -57.11
C LEU A 477 7.16 2.75 -56.49
N LEU A 478 8.00 1.77 -56.14
CA LEU A 478 9.24 1.97 -55.34
C LEU A 478 10.27 2.75 -56.17
N LYS A 479 10.53 2.33 -57.41
CA LYS A 479 11.58 2.87 -58.31
C LYS A 479 11.42 4.39 -58.46
N GLN A 480 10.18 4.86 -58.55
CA GLN A 480 9.79 6.29 -58.63
C GLN A 480 10.23 7.02 -57.34
N ILE A 481 10.00 6.41 -56.18
CA ILE A 481 10.41 6.97 -54.85
C ILE A 481 11.94 6.95 -54.77
N GLU A 482 12.58 5.88 -55.26
CA GLU A 482 14.06 5.73 -55.32
C GLU A 482 14.67 6.84 -56.20
N ASP A 483 14.03 7.17 -57.33
CA ASP A 483 14.48 8.24 -58.26
C ASP A 483 14.51 9.59 -57.53
N ALA A 484 13.51 9.85 -56.68
CA ALA A 484 13.37 11.11 -55.89
C ALA A 484 14.36 11.14 -54.72
N GLY A 485 15.15 10.07 -54.53
CA GLY A 485 16.36 10.07 -53.68
C GLY A 485 16.22 9.24 -52.42
N LEU A 486 15.17 8.43 -52.28
CA LEU A 486 15.01 7.47 -51.15
C LEU A 486 15.88 6.23 -51.41
N ARG A 487 16.66 5.81 -50.42
CA ARG A 487 17.59 4.65 -50.50
C ARG A 487 16.95 3.46 -49.77
N VAL A 488 16.83 2.32 -50.48
CA VAL A 488 16.51 1.00 -49.87
C VAL A 488 17.79 0.48 -49.22
N ALA A 489 17.75 0.21 -47.91
CA ALA A 489 18.92 -0.16 -47.07
C ALA A 489 18.93 -1.67 -46.80
N GLY A 490 17.78 -2.35 -46.94
CA GLY A 490 17.66 -3.79 -46.69
C GLY A 490 16.45 -4.40 -47.37
N ARG A 491 16.55 -5.67 -47.77
CA ARG A 491 15.47 -6.45 -48.41
C ARG A 491 15.52 -7.89 -47.91
N SER A 492 14.47 -8.67 -48.15
CA SER A 492 14.40 -10.12 -47.79
C SER A 492 13.53 -10.87 -48.82
N GLY A 493 13.81 -12.17 -48.99
CA GLY A 493 12.93 -13.12 -49.69
C GLY A 493 13.10 -13.09 -51.20
N ASP A 494 12.33 -13.92 -51.91
CA ASP A 494 12.30 -14.02 -53.40
C ASP A 494 11.57 -12.81 -53.97
N ASP A 495 10.60 -12.26 -53.21
CA ASP A 495 9.77 -11.09 -53.60
C ASP A 495 10.53 -9.78 -53.33
N GLN A 496 11.80 -9.87 -52.91
CA GLN A 496 12.69 -8.70 -52.69
C GLN A 496 11.93 -7.62 -51.92
N LEU A 497 11.28 -8.00 -50.82
CA LEU A 497 10.48 -7.08 -49.97
C LEU A 497 11.42 -6.03 -49.35
N VAL A 498 10.98 -4.77 -49.31
CA VAL A 498 11.75 -3.65 -48.68
C VAL A 498 11.65 -3.81 -47.15
N GLU A 499 12.79 -3.92 -46.48
CA GLU A 499 12.91 -4.14 -45.01
C GLU A 499 13.32 -2.83 -44.33
N ILE A 500 14.26 -2.09 -44.93
CA ILE A 500 14.81 -0.82 -44.35
C ILE A 500 14.93 0.23 -45.47
N ILE A 501 14.51 1.46 -45.16
CA ILE A 501 14.70 2.67 -46.03
C ILE A 501 15.51 3.69 -45.24
N GLU A 502 16.31 4.49 -45.95
CA GLU A 502 17.10 5.63 -45.38
C GLU A 502 16.86 6.86 -46.25
N VAL A 503 16.93 8.05 -45.65
CA VAL A 503 16.93 9.37 -46.35
C VAL A 503 18.33 9.95 -46.23
N PRO A 504 19.21 9.79 -47.25
CA PRO A 504 20.42 10.61 -47.34
C PRO A 504 20.05 12.10 -47.38
N ASN A 505 21.02 12.98 -47.09
CA ASN A 505 20.79 14.44 -46.87
C ASN A 505 20.11 14.62 -45.51
N HIS A 506 20.47 13.75 -44.55
CA HIS A 506 19.92 13.72 -43.16
C HIS A 506 20.98 13.14 -42.24
N PRO A 507 21.20 13.70 -41.03
CA PRO A 507 22.21 13.17 -40.12
C PRO A 507 21.95 11.69 -39.78
N TRP A 508 20.69 11.35 -39.50
CA TRP A 508 20.27 9.98 -39.09
C TRP A 508 18.76 9.81 -39.32
N PHE A 509 18.40 9.09 -40.39
CA PHE A 509 17.00 8.81 -40.79
C PHE A 509 16.92 7.35 -41.27
N VAL A 510 16.49 6.45 -40.38
CA VAL A 510 16.30 5.01 -40.68
C VAL A 510 14.85 4.65 -40.34
N ALA A 511 14.25 3.79 -41.14
CA ALA A 511 12.93 3.18 -40.86
C ALA A 511 12.97 1.74 -41.36
N CYS A 512 12.47 0.80 -40.54
CA CYS A 512 12.54 -0.65 -40.78
C CYS A 512 11.14 -1.25 -40.61
N GLN A 513 10.88 -2.34 -41.32
CA GLN A 513 9.59 -3.06 -41.32
C GLN A 513 9.51 -3.94 -40.07
N PHE A 514 10.62 -4.57 -39.70
CA PHE A 514 10.76 -5.48 -38.52
C PHE A 514 10.78 -4.64 -37.23
N HIS A 515 10.68 -5.34 -36.10
CA HIS A 515 10.64 -4.78 -34.73
C HIS A 515 11.98 -5.01 -34.04
N PRO A 516 12.98 -4.12 -34.24
CA PRO A 516 14.32 -4.34 -33.68
C PRO A 516 14.29 -4.36 -32.13
N GLU A 517 13.28 -3.72 -31.54
CA GLU A 517 13.08 -3.62 -30.08
C GLU A 517 12.97 -5.03 -29.46
N PHE A 518 12.58 -6.04 -30.23
CA PHE A 518 12.40 -7.43 -29.73
C PHE A 518 13.75 -8.15 -29.60
N THR A 519 14.85 -7.60 -30.11
CA THR A 519 16.21 -8.21 -29.99
C THR A 519 17.15 -7.32 -29.16
N SER A 520 16.67 -6.17 -28.71
CA SER A 520 17.42 -5.25 -27.80
C SER A 520 17.43 -5.85 -26.39
N THR A 521 18.57 -5.79 -25.71
CA THR A 521 18.74 -6.20 -24.30
C THR A 521 19.52 -5.10 -23.58
N PRO A 522 19.38 -4.98 -22.24
CA PRO A 522 20.21 -4.03 -21.48
C PRO A 522 21.71 -4.34 -21.59
N ARG A 523 22.09 -5.63 -21.67
CA ARG A 523 23.52 -6.05 -21.61
C ARG A 523 24.21 -5.88 -22.97
N ASP A 524 23.55 -6.25 -24.08
CA ASP A 524 24.19 -6.25 -25.43
C ASP A 524 23.62 -5.11 -26.27
N GLY A 525 22.63 -4.36 -25.77
CA GLY A 525 22.01 -3.21 -26.47
C GLY A 525 21.42 -3.62 -27.80
N HIS A 526 21.39 -2.69 -28.76
CA HIS A 526 20.94 -2.91 -30.16
C HIS A 526 21.62 -1.89 -31.06
N PRO A 527 22.27 -2.34 -32.17
CA PRO A 527 22.98 -1.42 -33.08
C PRO A 527 22.15 -0.21 -33.51
N LEU A 528 20.89 -0.44 -33.89
CA LEU A 528 19.99 0.60 -34.45
C LEU A 528 19.66 1.64 -33.36
N PHE A 529 19.22 1.20 -32.18
CA PHE A 529 18.83 2.08 -31.06
C PHE A 529 20.08 2.79 -30.50
N ALA A 530 21.21 2.10 -30.48
CA ALA A 530 22.53 2.68 -30.09
C ALA A 530 22.85 3.83 -31.06
N GLY A 531 22.76 3.57 -32.37
CA GLY A 531 22.96 4.57 -33.43
C GLY A 531 22.00 5.75 -33.27
N PHE A 532 20.72 5.46 -33.06
CA PHE A 532 19.62 6.46 -32.97
C PHE A 532 19.86 7.41 -31.79
N VAL A 533 20.13 6.87 -30.61
CA VAL A 533 20.37 7.67 -29.37
C VAL A 533 21.68 8.47 -29.54
N LYS A 534 22.69 7.89 -30.18
CA LYS A 534 23.98 8.56 -30.50
C LYS A 534 23.69 9.82 -31.33
N ALA A 535 22.94 9.67 -32.43
CA ALA A 535 22.50 10.79 -33.31
C ALA A 535 21.71 11.82 -32.50
N ALA A 536 20.84 11.38 -31.57
CA ALA A 536 19.98 12.27 -30.75
C ALA A 536 20.86 13.22 -29.92
N SER A 537 21.94 12.71 -29.33
CA SER A 537 22.88 13.49 -28.48
C SER A 537 23.70 14.44 -29.36
N GLU A 538 24.16 13.96 -30.52
CA GLU A 538 24.92 14.76 -31.52
C GLU A 538 24.05 15.93 -32.00
N PHE A 539 22.77 15.69 -32.30
CA PHE A 539 21.79 16.75 -32.65
C PHE A 539 21.69 17.75 -31.49
N GLN A 540 21.48 17.26 -30.27
CA GLN A 540 21.27 18.08 -29.05
C GLN A 540 22.46 19.03 -28.83
N LYS A 541 23.69 18.58 -29.13
CA LYS A 541 24.94 19.40 -29.02
C LYS A 541 24.85 20.59 -29.99
N ARG A 542 24.50 20.33 -31.25
CA ARG A 542 24.51 21.31 -32.38
C ARG A 542 23.52 22.46 -32.12
N GLN A 543 22.58 22.31 -31.19
CA GLN A 543 21.58 23.35 -30.83
C GLN A 543 22.23 24.37 -29.89
N MET B 1 -38.97 2.34 20.26
CA MET B 1 -38.63 1.56 19.03
C MET B 1 -37.70 0.40 19.40
N THR B 2 -37.40 -0.48 18.42
CA THR B 2 -36.42 -1.61 18.56
C THR B 2 -35.02 -1.08 18.29
N THR B 3 -34.07 -1.32 19.20
CA THR B 3 -32.65 -0.90 19.07
C THR B 3 -32.05 -1.54 17.81
N ASN B 4 -31.32 -0.73 17.03
CA ASN B 4 -30.63 -1.18 15.79
C ASN B 4 -29.14 -1.33 16.09
N TYR B 5 -28.51 -2.31 15.44
CA TYR B 5 -27.07 -2.63 15.61
C TYR B 5 -26.35 -2.51 14.28
N ILE B 6 -25.22 -1.81 14.29
CA ILE B 6 -24.24 -1.78 13.18
C ILE B 6 -22.97 -2.47 13.69
N PHE B 7 -22.70 -3.67 13.18
CA PHE B 7 -21.51 -4.46 13.51
C PHE B 7 -20.40 -4.03 12.55
N VAL B 8 -19.30 -3.52 13.11
CA VAL B 8 -18.18 -2.91 12.34
C VAL B 8 -16.98 -3.85 12.45
N THR B 9 -16.60 -4.44 11.32
CA THR B 9 -15.49 -5.41 11.23
C THR B 9 -14.40 -4.81 10.34
N GLY B 10 -13.20 -5.37 10.43
CA GLY B 10 -12.03 -4.95 9.65
C GLY B 10 -11.47 -6.12 8.88
N GLY B 11 -11.04 -5.88 7.64
CA GLY B 11 -10.41 -6.87 6.77
C GLY B 11 -9.08 -6.38 6.25
N VAL B 12 -8.28 -7.34 5.78
CA VAL B 12 -7.01 -7.16 5.03
C VAL B 12 -5.89 -6.86 6.04
N VAL B 13 -6.00 -5.76 6.79
CA VAL B 13 -5.00 -5.35 7.81
C VAL B 13 -5.71 -4.72 8.99
N SER B 14 -5.03 -4.65 10.14
CA SER B 14 -5.39 -3.77 11.28
C SER B 14 -4.80 -2.38 11.02
N SER B 15 -4.97 -1.46 11.96
CA SER B 15 -4.54 -0.05 11.85
C SER B 15 -5.29 0.64 10.72
N LEU B 16 -6.55 0.25 10.49
CA LEU B 16 -7.45 0.81 9.45
C LEU B 16 -8.10 2.11 9.94
N GLY B 17 -8.08 2.35 11.25
CA GLY B 17 -8.81 3.48 11.86
C GLY B 17 -10.29 3.16 12.02
N LYS B 18 -10.59 1.95 12.49
CA LYS B 18 -11.97 1.41 12.61
C LYS B 18 -12.72 2.14 13.72
N GLY B 19 -12.04 2.44 14.82
CA GLY B 19 -12.62 3.20 15.95
C GLY B 19 -13.05 4.57 15.49
N ILE B 20 -12.19 5.25 14.73
CA ILE B 20 -12.41 6.65 14.26
C ILE B 20 -13.54 6.66 13.22
N ALA B 21 -13.61 5.63 12.35
CA ALA B 21 -14.69 5.50 11.34
C ALA B 21 -16.02 5.28 12.06
N ALA B 22 -16.05 4.37 13.03
CA ALA B 22 -17.26 4.07 13.83
C ALA B 22 -17.70 5.32 14.61
N ALA B 23 -16.75 6.02 15.21
CA ALA B 23 -16.98 7.24 16.02
C ALA B 23 -17.53 8.36 15.12
N SER B 24 -16.95 8.52 13.93
CA SER B 24 -17.34 9.53 12.91
C SER B 24 -18.76 9.27 12.43
N LEU B 25 -19.12 8.00 12.16
CA LEU B 25 -20.50 7.62 11.77
C LEU B 25 -21.45 7.90 12.93
N ALA B 26 -21.04 7.56 14.16
CA ALA B 26 -21.83 7.84 15.38
C ALA B 26 -22.12 9.35 15.47
N ALA B 27 -21.12 10.19 15.19
CA ALA B 27 -21.23 11.68 15.23
C ALA B 27 -22.29 12.15 14.23
N ILE B 28 -22.32 11.60 13.03
CA ILE B 28 -23.33 11.97 12.00
C ILE B 28 -24.72 11.61 12.54
N LEU B 29 -24.89 10.39 13.04
CA LEU B 29 -26.20 9.89 13.54
C LEU B 29 -26.66 10.73 14.73
N GLU B 30 -25.75 11.08 15.65
CA GLU B 30 -26.08 11.92 16.83
C GLU B 30 -26.56 13.29 16.34
N ALA B 31 -25.94 13.82 15.28
CA ALA B 31 -26.26 15.14 14.67
C ALA B 31 -27.58 15.08 13.90
N ARG B 32 -28.18 13.90 13.78
CA ARG B 32 -29.55 13.71 13.22
C ARG B 32 -30.55 13.54 14.37
N GLY B 33 -30.10 13.76 15.61
CA GLY B 33 -30.95 13.70 16.81
C GLY B 33 -31.15 12.28 17.34
N LEU B 34 -30.40 11.30 16.82
CA LEU B 34 -30.52 9.88 17.25
C LEU B 34 -29.73 9.65 18.55
N ASN B 35 -30.26 8.76 19.39
CA ASN B 35 -29.60 8.28 20.62
C ASN B 35 -28.69 7.12 20.22
N VAL B 36 -27.38 7.38 20.16
CA VAL B 36 -26.35 6.48 19.57
CA VAL B 36 -26.37 6.44 19.58
C VAL B 36 -25.30 6.14 20.64
N THR B 37 -24.82 4.91 20.64
CA THR B 37 -23.66 4.50 21.45
C THR B 37 -22.76 3.61 20.60
N ILE B 38 -21.55 3.40 21.10
CA ILE B 38 -20.47 2.60 20.46
C ILE B 38 -19.91 1.68 21.55
N MET B 39 -19.54 0.46 21.19
CA MET B 39 -18.81 -0.46 22.10
CA MET B 39 -18.81 -0.46 22.10
C MET B 39 -17.70 -1.17 21.31
N LYS B 40 -16.61 -1.47 22.01
CA LYS B 40 -15.39 -2.11 21.45
C LYS B 40 -15.28 -3.52 22.04
N LEU B 41 -15.25 -4.52 21.19
CA LEU B 41 -14.98 -5.94 21.54
C LEU B 41 -13.55 -6.23 21.12
N ASP B 42 -12.65 -6.41 22.11
CA ASP B 42 -11.20 -6.60 21.90
C ASP B 42 -10.88 -8.09 22.04
N PRO B 43 -10.20 -8.72 21.05
CA PRO B 43 -9.90 -10.16 21.12
C PRO B 43 -8.71 -10.55 22.00
N TYR B 44 -8.10 -9.60 22.70
CA TYR B 44 -6.99 -9.83 23.67
C TYR B 44 -7.52 -10.67 24.83
N ILE B 45 -6.63 -11.42 25.48
CA ILE B 45 -6.99 -12.32 26.62
C ILE B 45 -6.94 -11.52 27.93
N ASN B 46 -6.25 -10.37 27.96
CA ASN B 46 -6.23 -9.49 29.15
C ASN B 46 -7.68 -9.25 29.59
N VAL B 47 -8.00 -9.44 30.87
CA VAL B 47 -9.40 -9.23 31.37
C VAL B 47 -9.76 -7.77 31.09
N ASP B 48 -8.79 -6.86 31.24
CA ASP B 48 -8.87 -5.44 30.82
C ASP B 48 -7.44 -4.94 30.57
N PRO B 49 -7.26 -3.76 29.93
CA PRO B 49 -5.93 -3.20 29.70
C PRO B 49 -5.26 -2.56 30.92
N GLY B 50 -5.84 -2.70 32.12
CA GLY B 50 -5.30 -2.19 33.38
C GLY B 50 -3.90 -2.69 33.67
N THR B 51 -3.59 -3.94 33.27
CA THR B 51 -2.24 -4.56 33.40
C THR B 51 -1.33 -4.02 32.29
N MET B 52 -1.88 -3.75 31.11
CA MET B 52 -1.12 -3.56 29.83
C MET B 52 -0.23 -2.32 29.92
N SER B 53 0.96 -2.41 29.31
CA SER B 53 2.01 -1.36 29.28
C SER B 53 1.67 -0.32 28.21
N PRO B 54 1.87 0.99 28.50
CA PRO B 54 1.55 2.04 27.53
C PRO B 54 2.26 1.88 26.16
N ILE B 55 3.47 1.34 26.16
CA ILE B 55 4.34 1.18 24.95
C ILE B 55 4.03 -0.15 24.23
N GLN B 56 2.86 -0.76 24.49
CA GLN B 56 2.38 -1.98 23.78
C GLN B 56 1.25 -1.60 22.83
N HIS B 57 0.05 -1.31 23.38
CA HIS B 57 -1.20 -1.04 22.61
C HIS B 57 -1.60 0.43 22.73
N GLY B 58 -0.83 1.24 23.47
CA GLY B 58 -1.03 2.69 23.61
C GLY B 58 -1.60 3.06 24.97
N GLU B 59 -2.22 4.24 25.08
CA GLU B 59 -2.74 4.78 26.34
C GLU B 59 -3.85 3.86 26.88
N VAL B 60 -3.89 3.71 28.20
CA VAL B 60 -5.07 3.14 28.93
C VAL B 60 -6.05 4.28 29.17
N PHE B 61 -7.18 4.27 28.48
CA PHE B 61 -8.28 5.24 28.68
C PHE B 61 -9.01 4.87 29.97
N VAL B 62 -9.55 5.87 30.69
CA VAL B 62 -10.35 5.67 31.93
C VAL B 62 -11.71 6.34 31.73
N THR B 63 -12.78 5.59 31.93
CA THR B 63 -14.18 6.10 31.89
C THR B 63 -14.52 6.71 33.26
N GLU B 64 -15.64 7.42 33.35
CA GLU B 64 -16.17 8.03 34.60
C GLU B 64 -16.24 6.97 35.70
N ASP B 65 -16.79 5.80 35.39
CA ASP B 65 -17.05 4.72 36.37
C ASP B 65 -15.74 4.04 36.78
N GLY B 66 -14.58 4.47 36.26
CA GLY B 66 -13.25 3.98 36.67
C GLY B 66 -12.81 2.73 35.92
N ALA B 67 -13.50 2.34 34.85
CA ALA B 67 -13.10 1.21 33.98
C ALA B 67 -11.82 1.62 33.23
N GLU B 68 -10.86 0.70 33.16
CA GLU B 68 -9.64 0.85 32.32
C GLU B 68 -9.94 0.22 30.96
N THR B 69 -9.87 1.01 29.89
CA THR B 69 -10.40 0.60 28.56
C THR B 69 -9.38 0.86 27.45
N ASP B 70 -9.67 0.31 26.29
CA ASP B 70 -8.96 0.58 25.00
C ASP B 70 -9.05 2.09 24.73
N LEU B 71 -8.00 2.67 24.13
CA LEU B 71 -7.95 4.12 23.81
C LEU B 71 -9.07 4.50 22.83
N ASP B 72 -9.66 3.54 22.11
CA ASP B 72 -10.79 3.80 21.17
C ASP B 72 -11.96 4.47 21.92
N LEU B 73 -12.17 4.19 23.19
CA LEU B 73 -13.30 4.81 23.96
C LEU B 73 -13.04 6.32 24.11
N GLY B 74 -11.77 6.74 24.11
CA GLY B 74 -11.37 8.15 23.98
C GLY B 74 -11.87 8.77 22.68
N HIS B 75 -11.66 8.10 21.55
CA HIS B 75 -12.22 8.53 20.25
C HIS B 75 -13.74 8.66 20.37
N TYR B 76 -14.40 7.67 20.96
CA TYR B 76 -15.88 7.62 21.08
C TYR B 76 -16.36 8.87 21.83
N GLU B 77 -15.76 9.16 22.99
CA GLU B 77 -16.17 10.31 23.84
C GLU B 77 -15.86 11.64 23.14
N ARG B 78 -14.83 11.70 22.31
CA ARG B 78 -14.46 12.94 21.58
C ARG B 78 -15.37 13.15 20.37
N PHE B 79 -16.13 12.15 19.94
CA PHE B 79 -17.01 12.24 18.74
C PHE B 79 -18.48 12.28 19.13
N ILE B 80 -18.89 11.68 20.26
CA ILE B 80 -20.32 11.67 20.69
C ILE B 80 -20.38 12.03 22.17
N ARG B 81 -21.55 12.50 22.62
CA ARG B 81 -21.76 13.01 24.01
C ARG B 81 -22.28 11.88 24.91
N THR B 82 -22.73 10.75 24.35
CA THR B 82 -23.03 9.52 25.12
C THR B 82 -21.76 9.16 25.90
N LYS B 83 -21.80 9.20 27.25
CA LYS B 83 -20.63 8.92 28.12
C LYS B 83 -20.37 7.40 28.13
N MET B 84 -19.10 7.00 28.05
CA MET B 84 -18.72 5.57 28.00
C MET B 84 -18.61 5.05 29.43
N SER B 85 -18.83 3.76 29.62
CA SER B 85 -18.67 3.03 30.90
C SER B 85 -18.00 1.69 30.63
N ARG B 86 -17.84 0.88 31.68
CA ARG B 86 -17.34 -0.52 31.61
C ARG B 86 -18.07 -1.27 30.48
N ARG B 87 -19.36 -1.04 30.25
CA ARG B 87 -20.13 -1.91 29.32
C ARG B 87 -19.92 -1.52 27.86
N ASN B 88 -19.08 -0.52 27.55
CA ASN B 88 -18.74 -0.11 26.16
C ASN B 88 -17.42 -0.75 25.71
N ASN B 89 -16.78 -1.57 26.54
CA ASN B 89 -15.51 -2.25 26.19
C ASN B 89 -15.42 -3.58 26.94
N PHE B 90 -15.19 -4.67 26.23
CA PHE B 90 -14.86 -5.96 26.87
C PHE B 90 -14.00 -6.80 25.93
N THR B 91 -13.27 -7.72 26.54
CA THR B 91 -12.22 -8.54 25.90
C THR B 91 -12.69 -9.99 25.91
N THR B 92 -12.05 -10.82 25.07
CA THR B 92 -12.14 -12.30 25.12
C THR B 92 -11.86 -12.75 26.56
N GLY B 93 -10.79 -12.23 27.17
CA GLY B 93 -10.40 -12.53 28.56
C GLY B 93 -11.56 -12.38 29.53
N ARG B 94 -12.27 -11.26 29.46
CA ARG B 94 -13.46 -10.94 30.30
C ARG B 94 -14.54 -12.00 30.05
N ILE B 95 -14.82 -12.31 28.78
CA ILE B 95 -15.86 -13.30 28.36
C ILE B 95 -15.51 -14.67 28.96
N TYR B 96 -14.29 -15.18 28.73
CA TYR B 96 -13.85 -16.52 29.22
C TYR B 96 -13.84 -16.51 30.76
N SER B 97 -13.34 -15.44 31.38
CA SER B 97 -13.31 -15.28 32.87
CA SER B 97 -13.31 -15.29 32.87
C SER B 97 -14.71 -15.48 33.44
N ASP B 98 -15.70 -14.80 32.86
CA ASP B 98 -17.12 -14.85 33.28
C ASP B 98 -17.69 -16.27 33.10
N VAL B 99 -17.51 -16.87 31.91
CA VAL B 99 -18.03 -18.23 31.61
C VAL B 99 -17.36 -19.24 32.55
N LEU B 100 -16.05 -19.10 32.79
CA LEU B 100 -15.28 -20.02 33.67
C LEU B 100 -15.81 -19.91 35.11
N ARG B 101 -16.05 -18.68 35.57
CA ARG B 101 -16.62 -18.40 36.93
C ARG B 101 -17.94 -19.15 37.06
N LYS B 102 -18.88 -18.89 36.16
CA LYS B 102 -20.23 -19.52 36.11
C LYS B 102 -20.12 -21.04 36.05
N GLU B 103 -19.15 -21.58 35.30
CA GLU B 103 -19.00 -23.05 35.08
C GLU B 103 -18.55 -23.73 36.38
N ARG B 104 -17.50 -23.18 37.02
CA ARG B 104 -16.86 -23.76 38.24
C ARG B 104 -17.87 -23.79 39.39
N ARG B 105 -18.87 -22.89 39.40
CA ARG B 105 -19.92 -22.81 40.45
C ARG B 105 -21.30 -23.24 39.92
N GLY B 106 -21.34 -24.12 38.90
CA GLY B 106 -22.48 -25.00 38.58
C GLY B 106 -23.65 -24.32 37.87
N ASP B 107 -23.48 -23.10 37.35
CA ASP B 107 -24.56 -22.36 36.62
C ASP B 107 -25.02 -23.13 35.37
N TYR B 108 -24.17 -23.94 34.76
CA TYR B 108 -24.46 -24.64 33.47
C TYR B 108 -25.02 -26.05 33.75
N LEU B 109 -25.17 -26.43 35.02
CA LEU B 109 -25.98 -27.59 35.48
C LEU B 109 -25.49 -28.87 34.80
N GLY B 110 -24.19 -29.11 34.80
CA GLY B 110 -23.56 -30.33 34.24
C GLY B 110 -23.45 -30.31 32.73
N ALA B 111 -23.78 -29.22 32.05
CA ALA B 111 -23.68 -29.14 30.56
C ALA B 111 -22.19 -29.12 30.18
N THR B 112 -21.87 -29.66 29.01
CA THR B 112 -20.60 -29.37 28.31
C THR B 112 -20.63 -27.88 27.94
N VAL B 113 -19.67 -27.10 28.42
CA VAL B 113 -19.57 -25.65 28.11
C VAL B 113 -18.74 -25.51 26.84
N GLN B 114 -19.30 -24.85 25.82
CA GLN B 114 -18.80 -24.84 24.42
C GLN B 114 -18.64 -23.39 23.96
N VAL B 115 -17.77 -23.16 22.98
CA VAL B 115 -17.64 -21.84 22.29
C VAL B 115 -19.04 -21.42 21.85
N ILE B 116 -19.79 -22.36 21.30
CA ILE B 116 -21.22 -22.18 20.93
C ILE B 116 -21.99 -23.30 21.63
N PRO B 117 -23.02 -22.98 22.46
CA PRO B 117 -23.52 -21.61 22.64
C PRO B 117 -22.97 -20.71 23.75
N HIS B 118 -22.09 -21.21 24.61
CA HIS B 118 -21.82 -20.58 25.94
C HIS B 118 -20.97 -19.31 25.77
N ILE B 119 -19.87 -19.37 25.01
CA ILE B 119 -19.01 -18.18 24.81
C ILE B 119 -19.80 -17.16 23.99
N THR B 120 -20.46 -17.59 22.92
CA THR B 120 -21.22 -16.70 22.01
C THR B 120 -22.38 -16.07 22.78
N ASN B 121 -23.10 -16.84 23.61
CA ASN B 121 -24.20 -16.30 24.47
C ASN B 121 -23.66 -15.18 25.35
N ALA B 122 -22.51 -15.37 26.01
CA ALA B 122 -21.91 -14.39 26.94
C ALA B 122 -21.58 -13.10 26.17
N ILE B 123 -21.06 -13.23 24.94
CA ILE B 123 -20.74 -12.06 24.07
C ILE B 123 -22.04 -11.33 23.75
N LYS B 124 -23.07 -12.06 23.30
CA LYS B 124 -24.36 -11.45 22.88
C LYS B 124 -24.98 -10.72 24.08
N GLU B 125 -24.96 -11.33 25.27
CA GLU B 125 -25.52 -10.72 26.51
C GLU B 125 -24.85 -9.36 26.79
N ARG B 126 -23.53 -9.26 26.62
CA ARG B 126 -22.78 -8.01 26.90
C ARG B 126 -23.06 -6.97 25.81
N VAL B 127 -23.24 -7.40 24.56
CA VAL B 127 -23.63 -6.47 23.47
C VAL B 127 -25.02 -5.89 23.80
N LEU B 128 -25.99 -6.73 24.11
CA LEU B 128 -27.38 -6.30 24.46
C LEU B 128 -27.34 -5.36 25.67
N GLU B 129 -26.54 -5.68 26.70
CA GLU B 129 -26.43 -4.89 27.95
C GLU B 129 -25.95 -3.48 27.61
N GLY B 130 -24.93 -3.35 26.77
CA GLY B 130 -24.35 -2.05 26.37
C GLY B 130 -25.21 -1.30 25.37
N GLY B 131 -26.09 -1.99 24.63
CA GLY B 131 -26.79 -1.43 23.46
C GLY B 131 -28.24 -1.04 23.75
N GLU B 132 -29.01 -1.89 24.44
CA GLU B 132 -30.49 -1.77 24.52
C GLU B 132 -30.82 -0.45 25.25
N GLY B 133 -31.80 0.29 24.73
CA GLY B 133 -32.13 1.67 25.15
C GLY B 133 -31.79 2.71 24.09
N HIS B 134 -30.80 2.43 23.23
CA HIS B 134 -30.32 3.36 22.17
C HIS B 134 -31.05 3.09 20.86
N ASP B 135 -31.10 4.09 19.97
CA ASP B 135 -31.67 3.97 18.61
C ASP B 135 -30.71 3.15 17.74
N VAL B 136 -29.43 3.49 17.78
CA VAL B 136 -28.36 2.84 16.98
C VAL B 136 -27.17 2.54 17.89
N VAL B 137 -26.72 1.28 17.87
CA VAL B 137 -25.52 0.81 18.63
C VAL B 137 -24.48 0.37 17.60
N LEU B 138 -23.32 1.03 17.59
CA LEU B 138 -22.16 0.60 16.79
C LEU B 138 -21.32 -0.37 17.62
N VAL B 139 -21.09 -1.56 17.09
CA VAL B 139 -20.33 -2.64 17.77
C VAL B 139 -19.08 -2.89 16.93
N GLU B 140 -17.95 -2.34 17.41
CA GLU B 140 -16.64 -2.49 16.75
C GLU B 140 -15.98 -3.80 17.19
N ILE B 141 -15.75 -4.68 16.23
CA ILE B 141 -15.09 -5.99 16.46
C ILE B 141 -13.60 -5.81 16.21
N GLY B 142 -12.79 -5.92 17.25
CA GLY B 142 -11.32 -5.88 17.13
C GLY B 142 -10.80 -7.08 16.35
N GLY B 143 -9.55 -7.03 15.91
CA GLY B 143 -8.92 -8.08 15.11
C GLY B 143 -9.36 -8.00 13.67
N THR B 144 -8.80 -8.87 12.85
CA THR B 144 -8.97 -8.85 11.38
C THR B 144 -9.76 -10.09 11.01
N VAL B 145 -10.79 -9.92 10.19
CA VAL B 145 -11.57 -11.05 9.64
C VAL B 145 -10.57 -11.98 8.93
N GLY B 146 -10.57 -13.26 9.27
CA GLY B 146 -9.64 -14.26 8.71
C GLY B 146 -8.69 -14.80 9.77
N ASP B 147 -8.59 -14.11 10.91
CA ASP B 147 -7.72 -14.49 12.04
C ASP B 147 -8.55 -15.31 13.04
N ILE B 148 -7.88 -16.11 13.86
CA ILE B 148 -8.53 -17.01 14.85
C ILE B 148 -9.21 -16.17 15.94
N GLU B 149 -8.56 -15.09 16.38
CA GLU B 149 -8.84 -14.43 17.68
C GLU B 149 -10.25 -13.80 17.68
N SER B 150 -10.79 -13.41 16.52
CA SER B 150 -12.08 -12.68 16.43
CA SER B 150 -12.09 -12.69 16.49
C SER B 150 -13.26 -13.64 16.15
N LEU B 151 -12.99 -14.92 15.90
CA LEU B 151 -14.05 -15.83 15.37
C LEU B 151 -15.24 -15.92 16.31
N PRO B 152 -15.07 -16.08 17.64
CA PRO B 152 -16.23 -16.12 18.54
C PRO B 152 -17.06 -14.83 18.52
N PHE B 153 -16.43 -13.66 18.40
CA PHE B 153 -17.16 -12.38 18.24
C PHE B 153 -17.96 -12.43 16.95
N LEU B 154 -17.35 -12.92 15.86
CA LEU B 154 -18.00 -12.89 14.51
C LEU B 154 -19.18 -13.85 14.51
N GLU B 155 -19.02 -15.04 15.08
CA GLU B 155 -20.11 -16.05 15.20
C GLU B 155 -21.23 -15.47 16.06
N ALA B 156 -20.90 -14.83 17.20
CA ALA B 156 -21.88 -14.20 18.11
C ALA B 156 -22.72 -13.16 17.35
N ILE B 157 -22.09 -12.24 16.63
CA ILE B 157 -22.84 -11.15 15.93
C ILE B 157 -23.62 -11.73 14.74
N ARG B 158 -23.15 -12.82 14.12
CA ARG B 158 -23.91 -13.50 13.04
C ARG B 158 -25.23 -13.99 13.64
N GLN B 159 -25.19 -14.66 14.79
CA GLN B 159 -26.38 -15.16 15.51
C GLN B 159 -27.31 -14.00 15.87
N MET B 160 -26.77 -12.90 16.39
CA MET B 160 -27.57 -11.72 16.79
C MET B 160 -28.35 -11.18 15.59
N ALA B 161 -27.72 -11.06 14.43
CA ALA B 161 -28.35 -10.50 13.21
C ALA B 161 -29.61 -11.32 12.88
N VAL B 162 -29.51 -12.65 12.92
CA VAL B 162 -30.65 -13.57 12.59
C VAL B 162 -31.75 -13.42 13.65
N GLU B 163 -31.40 -13.46 14.94
CA GLU B 163 -32.36 -13.41 16.07
C GLU B 163 -33.12 -12.08 16.08
N ILE B 164 -32.38 -10.98 16.06
CA ILE B 164 -32.96 -9.61 16.17
C ILE B 164 -33.70 -9.30 14.88
N GLY B 165 -33.14 -9.72 13.74
CA GLY B 165 -33.70 -9.51 12.40
C GLY B 165 -32.86 -8.54 11.60
N ARG B 166 -32.82 -8.71 10.29
CA ARG B 166 -31.97 -7.90 9.39
C ARG B 166 -32.59 -6.52 9.18
N GLU B 167 -33.84 -6.32 9.60
CA GLU B 167 -34.49 -4.98 9.59
C GLU B 167 -33.83 -4.09 10.66
N HIS B 168 -33.13 -4.67 11.65
CA HIS B 168 -32.54 -3.95 12.81
C HIS B 168 -31.02 -4.15 12.91
N THR B 169 -30.38 -4.80 11.94
CA THR B 169 -28.94 -5.15 12.01
C THR B 169 -28.26 -4.95 10.64
N LEU B 170 -27.08 -4.34 10.66
CA LEU B 170 -26.25 -4.07 9.47
C LEU B 170 -24.82 -4.53 9.77
N PHE B 171 -24.15 -5.04 8.75
CA PHE B 171 -22.72 -5.41 8.80
C PHE B 171 -21.96 -4.39 7.99
N MET B 172 -21.08 -3.64 8.66
CA MET B 172 -20.22 -2.62 8.02
C MET B 172 -18.77 -3.11 8.12
N HIS B 173 -18.15 -3.38 6.98
CA HIS B 173 -16.79 -3.98 6.88
C HIS B 173 -15.81 -2.94 6.30
N LEU B 174 -14.74 -2.66 7.03
CA LEU B 174 -13.60 -1.83 6.55
C LEU B 174 -12.57 -2.73 5.89
N THR B 175 -12.04 -2.32 4.73
CA THR B 175 -10.94 -3.01 4.02
C THR B 175 -9.87 -1.98 3.61
N LEU B 176 -8.68 -2.47 3.30
CA LEU B 176 -7.61 -1.67 2.68
C LEU B 176 -7.71 -1.82 1.16
N VAL B 177 -7.72 -0.68 0.45
CA VAL B 177 -7.62 -0.60 -1.03
C VAL B 177 -6.29 0.08 -1.32
N PRO B 178 -5.16 -0.68 -1.33
CA PRO B 178 -3.84 -0.08 -1.38
C PRO B 178 -3.51 0.46 -2.78
N TYR B 179 -2.71 1.53 -2.82
CA TYR B 179 -2.15 2.11 -4.06
C TYR B 179 -0.87 1.36 -4.41
N MET B 180 -0.75 0.91 -5.66
N MET B 180 -0.72 0.95 -5.66
CA MET B 180 0.49 0.35 -6.25
CA MET B 180 0.54 0.36 -6.18
C MET B 180 1.14 1.44 -7.11
C MET B 180 1.19 1.38 -7.12
N ALA B 181 2.22 2.06 -6.63
CA ALA B 181 2.95 3.16 -7.31
C ALA B 181 3.39 2.70 -8.70
N ALA B 182 3.93 1.48 -8.79
CA ALA B 182 4.48 0.85 -10.00
C ALA B 182 3.42 0.83 -11.13
N SER B 183 2.14 0.62 -10.80
CA SER B 183 1.03 0.50 -11.79
C SER B 183 0.13 1.74 -11.77
N GLY B 184 0.28 2.61 -10.76
CA GLY B 184 -0.51 3.85 -10.63
C GLY B 184 -2.00 3.62 -10.44
N GLU B 185 -2.41 2.50 -9.84
CA GLU B 185 -3.86 2.28 -9.52
C GLU B 185 -4.01 1.71 -8.10
N VAL B 186 -5.18 1.93 -7.51
CA VAL B 186 -5.61 1.32 -6.22
C VAL B 186 -6.18 -0.07 -6.55
N LYS B 187 -6.03 -1.01 -5.62
CA LYS B 187 -6.30 -2.45 -5.86
C LYS B 187 -7.49 -2.88 -5.02
N THR B 188 -8.53 -3.45 -5.66
CA THR B 188 -9.76 -3.93 -5.01
C THR B 188 -9.63 -5.41 -4.61
N LYS B 189 -8.59 -6.11 -5.06
CA LYS B 189 -8.48 -7.58 -4.88
C LYS B 189 -8.52 -7.94 -3.40
N PRO B 190 -7.76 -7.26 -2.50
CA PRO B 190 -7.83 -7.55 -1.07
C PRO B 190 -9.26 -7.42 -0.51
N THR B 191 -10.00 -6.38 -0.93
CA THR B 191 -11.44 -6.22 -0.55
C THR B 191 -12.22 -7.46 -1.00
N GLN B 192 -12.05 -7.89 -2.26
CA GLN B 192 -12.78 -9.03 -2.85
C GLN B 192 -12.53 -10.26 -1.97
N HIS B 193 -11.27 -10.54 -1.66
CA HIS B 193 -10.86 -11.74 -0.88
C HIS B 193 -11.30 -11.61 0.58
N SER B 194 -11.23 -10.42 1.16
CA SER B 194 -11.63 -10.19 2.58
C SER B 194 -13.14 -10.42 2.72
N VAL B 195 -13.93 -9.97 1.74
CA VAL B 195 -15.40 -10.16 1.77
C VAL B 195 -15.73 -11.65 1.72
N LYS B 196 -15.02 -12.44 0.89
CA LYS B 196 -15.22 -13.91 0.80
C LYS B 196 -14.84 -14.57 2.12
N GLU B 197 -13.77 -14.11 2.77
CA GLU B 197 -13.37 -14.56 4.13
C GLU B 197 -14.51 -14.31 5.12
N LEU B 198 -15.07 -13.10 5.11
CA LEU B 198 -16.17 -12.70 6.02
C LEU B 198 -17.40 -13.59 5.75
N LEU B 199 -17.73 -13.80 4.47
CA LEU B 199 -18.88 -14.67 4.08
C LEU B 199 -18.64 -16.09 4.55
N SER B 200 -17.40 -16.58 4.49
CA SER B 200 -17.06 -17.98 4.85
C SER B 200 -17.30 -18.24 6.34
N ILE B 201 -17.37 -17.17 7.13
N ILE B 201 -17.39 -17.22 7.19
CA ILE B 201 -17.67 -17.15 8.60
CA ILE B 201 -17.77 -17.41 8.62
C ILE B 201 -19.19 -17.00 8.80
C ILE B 201 -19.22 -16.95 8.83
N GLY B 202 -19.92 -16.66 7.73
CA GLY B 202 -21.40 -16.61 7.71
C GLY B 202 -21.97 -15.20 7.63
N ILE B 203 -21.14 -14.19 7.36
CA ILE B 203 -21.57 -12.76 7.37
C ILE B 203 -21.47 -12.18 5.97
N GLN B 204 -22.60 -11.76 5.41
CA GLN B 204 -22.66 -10.92 4.19
C GLN B 204 -22.59 -9.47 4.65
N PRO B 205 -21.51 -8.72 4.33
CA PRO B 205 -21.45 -7.31 4.66
C PRO B 205 -22.51 -6.55 3.85
N ASP B 206 -23.10 -5.52 4.47
CA ASP B 206 -24.12 -4.65 3.82
C ASP B 206 -23.45 -3.38 3.30
N ILE B 207 -22.36 -2.97 3.95
CA ILE B 207 -21.67 -1.68 3.69
C ILE B 207 -20.18 -1.97 3.69
N LEU B 208 -19.46 -1.48 2.66
CA LEU B 208 -18.00 -1.59 2.58
C LEU B 208 -17.42 -0.19 2.71
N ILE B 209 -16.55 0.00 3.71
N ILE B 209 -16.54 0.00 3.70
CA ILE B 209 -15.76 1.26 3.93
CA ILE B 209 -15.76 1.25 3.93
C ILE B 209 -14.35 0.99 3.44
C ILE B 209 -14.34 0.99 3.44
N CYS B 210 -13.95 1.62 2.33
CA CYS B 210 -12.66 1.38 1.63
C CYS B 210 -11.64 2.42 2.11
N ARG B 211 -10.72 1.99 2.96
CA ARG B 211 -9.57 2.81 3.42
C ARG B 211 -8.50 2.77 2.32
N SER B 212 -7.99 3.95 1.98
CA SER B 212 -6.93 4.17 0.96
C SER B 212 -6.26 5.51 1.23
N ASP B 213 -5.09 5.77 0.65
CA ASP B 213 -4.35 7.04 0.83
C ASP B 213 -4.91 8.08 -0.14
N ARG B 214 -6.06 7.79 -0.75
CA ARG B 214 -6.75 8.64 -1.76
C ARG B 214 -8.17 8.09 -1.95
N ALA B 215 -9.08 8.90 -2.50
CA ALA B 215 -10.47 8.50 -2.82
C ALA B 215 -10.42 7.23 -3.68
N VAL B 216 -11.30 6.27 -3.41
CA VAL B 216 -11.46 5.08 -4.30
C VAL B 216 -12.39 5.50 -5.41
N PRO B 217 -11.94 5.51 -6.68
CA PRO B 217 -12.76 6.02 -7.78
C PRO B 217 -13.98 5.11 -8.08
N ALA B 218 -14.92 5.64 -8.85
CA ALA B 218 -16.23 5.04 -9.19
C ALA B 218 -16.02 3.64 -9.77
N ASN B 219 -15.07 3.46 -10.69
CA ASN B 219 -14.82 2.17 -11.38
C ASN B 219 -14.45 1.10 -10.35
N GLU B 220 -13.53 1.41 -9.44
CA GLU B 220 -13.04 0.49 -8.38
C GLU B 220 -14.20 0.17 -7.42
N ARG B 221 -15.01 1.15 -7.05
CA ARG B 221 -16.18 0.94 -6.14
C ARG B 221 -17.22 0.05 -6.83
N ALA B 222 -17.45 0.25 -8.13
CA ALA B 222 -18.38 -0.57 -8.95
C ALA B 222 -17.89 -2.03 -8.99
N LYS B 223 -16.58 -2.22 -9.16
CA LYS B 223 -15.96 -3.57 -9.21
C LYS B 223 -16.12 -4.25 -7.84
N ILE B 224 -15.87 -3.53 -6.75
CA ILE B 224 -16.06 -4.08 -5.37
C ILE B 224 -17.52 -4.50 -5.22
N ALA B 225 -18.45 -3.61 -5.56
CA ALA B 225 -19.91 -3.87 -5.50
C ALA B 225 -20.23 -5.15 -6.27
N LEU B 226 -19.72 -5.27 -7.50
CA LEU B 226 -20.01 -6.39 -8.44
C LEU B 226 -19.61 -7.73 -7.78
N PHE B 227 -18.45 -7.80 -7.13
CA PHE B 227 -17.90 -9.08 -6.61
C PHE B 227 -18.35 -9.36 -5.17
N CYS B 228 -18.97 -8.40 -4.47
CA CYS B 228 -19.19 -8.51 -3.00
C CYS B 228 -20.68 -8.54 -2.62
N ASN B 229 -21.60 -8.58 -3.59
CA ASN B 229 -23.07 -8.61 -3.34
C ASN B 229 -23.51 -7.35 -2.58
N VAL B 230 -22.78 -6.23 -2.74
CA VAL B 230 -23.09 -4.95 -2.05
C VAL B 230 -23.51 -3.95 -3.12
N PRO B 231 -24.60 -3.18 -2.89
CA PRO B 231 -24.99 -2.11 -3.80
C PRO B 231 -23.85 -1.08 -3.94
N GLU B 232 -23.66 -0.53 -5.13
CA GLU B 232 -22.59 0.47 -5.42
C GLU B 232 -22.67 1.61 -4.42
N LYS B 233 -23.87 2.03 -4.01
CA LYS B 233 -24.07 3.21 -3.11
C LYS B 233 -23.63 2.87 -1.68
N ALA B 234 -23.54 1.59 -1.33
CA ALA B 234 -23.08 1.12 -0.01
C ALA B 234 -21.58 0.81 -0.04
N VAL B 235 -20.88 1.12 -1.14
CA VAL B 235 -19.39 1.06 -1.19
C VAL B 235 -18.87 2.48 -1.00
N ILE B 236 -18.28 2.74 0.18
CA ILE B 236 -17.93 4.11 0.66
C ILE B 236 -16.41 4.25 0.64
N SER B 237 -15.92 5.39 0.16
N SER B 237 -15.91 5.36 0.10
CA SER B 237 -14.48 5.75 0.14
CA SER B 237 -14.48 5.77 0.18
C SER B 237 -14.13 6.51 1.44
C SER B 237 -14.24 6.41 1.54
N LEU B 238 -13.18 6.01 2.24
CA LEU B 238 -12.67 6.69 3.44
C LEU B 238 -11.16 6.86 3.27
N LYS B 239 -10.77 7.92 2.57
CA LYS B 239 -9.37 8.23 2.23
C LYS B 239 -8.64 8.66 3.50
N ASP B 240 -7.31 8.68 3.46
CA ASP B 240 -6.47 9.31 4.51
C ASP B 240 -6.77 10.82 4.48
N VAL B 241 -7.05 11.40 5.64
CA VAL B 241 -7.31 12.86 5.81
C VAL B 241 -6.28 13.43 6.77
N ASP B 242 -6.02 14.74 6.66
CA ASP B 242 -5.07 15.48 7.53
C ASP B 242 -5.70 15.68 8.92
N SER B 243 -7.03 15.65 9.00
CA SER B 243 -7.82 15.83 10.25
C SER B 243 -8.99 14.84 10.31
N ILE B 244 -9.01 14.00 11.35
CA ILE B 244 -10.11 13.01 11.58
C ILE B 244 -11.47 13.72 11.74
N TYR B 245 -11.48 15.01 12.10
CA TYR B 245 -12.73 15.81 12.31
C TYR B 245 -13.47 16.00 10.98
N LYS B 246 -12.78 15.79 9.85
CA LYS B 246 -13.37 15.89 8.50
C LYS B 246 -14.15 14.61 8.14
N ILE B 247 -13.92 13.50 8.85
CA ILE B 247 -14.44 12.16 8.42
C ILE B 247 -15.97 12.16 8.45
N PRO B 248 -16.66 12.68 9.48
CA PRO B 248 -18.12 12.74 9.47
C PRO B 248 -18.67 13.40 8.19
N GLY B 249 -18.09 14.52 7.77
CA GLY B 249 -18.45 15.22 6.53
C GLY B 249 -18.24 14.34 5.30
N LEU B 250 -17.10 13.66 5.20
CA LEU B 250 -16.75 12.82 4.03
C LEU B 250 -17.75 11.66 3.91
N LEU B 251 -18.11 11.03 5.04
CA LEU B 251 -19.05 9.88 5.06
C LEU B 251 -20.46 10.39 4.72
N LYS B 252 -20.87 11.52 5.30
CA LYS B 252 -22.20 12.13 5.04
C LYS B 252 -22.33 12.47 3.55
N SER B 253 -21.26 12.99 2.94
CA SER B 253 -21.27 13.43 1.52
C SER B 253 -21.47 12.23 0.59
N GLN B 254 -21.22 11.00 1.07
CA GLN B 254 -21.42 9.75 0.28
C GLN B 254 -22.72 9.04 0.70
N GLY B 255 -23.56 9.71 1.51
CA GLY B 255 -24.92 9.25 1.84
C GLY B 255 -24.95 8.06 2.79
N LEU B 256 -23.87 7.81 3.53
CA LEU B 256 -23.75 6.63 4.43
C LEU B 256 -24.84 6.66 5.50
N ASP B 257 -25.04 7.81 6.17
CA ASP B 257 -26.06 7.94 7.23
C ASP B 257 -27.47 7.80 6.62
N ASP B 258 -27.71 8.35 5.43
CA ASP B 258 -28.99 8.18 4.70
C ASP B 258 -29.25 6.68 4.49
N TYR B 259 -28.23 5.93 4.04
CA TYR B 259 -28.37 4.48 3.73
C TYR B 259 -28.78 3.73 5.01
N ILE B 260 -28.11 4.05 6.12
CA ILE B 260 -28.36 3.41 7.45
C ILE B 260 -29.78 3.76 7.92
N CYS B 261 -30.18 5.03 7.83
CA CYS B 261 -31.52 5.51 8.29
C CYS B 261 -32.63 4.85 7.45
N LYS B 262 -32.40 4.64 6.15
CA LYS B 262 -33.35 3.93 5.25
C LYS B 262 -33.46 2.45 5.68
N ARG B 263 -32.33 1.75 5.86
CA ARG B 263 -32.30 0.32 6.24
C ARG B 263 -33.01 0.11 7.59
N PHE B 264 -32.90 1.06 8.51
CA PHE B 264 -33.46 0.96 9.89
C PHE B 264 -34.83 1.65 10.00
N SER B 265 -35.35 2.22 8.90
CA SER B 265 -36.63 2.97 8.86
C SER B 265 -36.63 4.06 9.93
N LEU B 266 -35.53 4.78 10.07
CA LEU B 266 -35.39 5.92 11.01
C LEU B 266 -35.72 7.21 10.24
N ASN B 267 -36.84 7.85 10.60
CA ASN B 267 -37.27 9.16 10.05
CA ASN B 267 -37.25 9.17 10.04
C ASN B 267 -36.67 10.25 10.94
N CYS B 268 -35.54 10.83 10.54
CA CYS B 268 -34.83 11.88 11.30
C CYS B 268 -34.29 12.92 10.33
N PRO B 269 -34.12 14.18 10.79
CA PRO B 269 -33.67 15.26 9.91
C PRO B 269 -32.24 15.04 9.42
N GLU B 270 -31.88 15.70 8.32
CA GLU B 270 -30.50 15.73 7.77
C GLU B 270 -29.54 16.08 8.90
N ALA B 271 -28.37 15.45 8.94
CA ALA B 271 -27.30 15.73 9.92
C ALA B 271 -26.87 17.18 9.77
N ASN B 272 -26.84 17.92 10.89
CA ASN B 272 -26.24 19.27 10.97
C ASN B 272 -24.83 19.12 11.54
N LEU B 273 -23.82 19.15 10.66
CA LEU B 273 -22.39 18.96 11.03
C LEU B 273 -21.71 20.30 11.31
N SER B 274 -22.49 21.35 11.65
CA SER B 274 -21.99 22.72 11.97
C SER B 274 -20.89 22.66 13.02
N GLU B 275 -21.05 21.83 14.05
CA GLU B 275 -20.08 21.76 15.19
C GLU B 275 -18.73 21.27 14.65
N TRP B 276 -18.73 20.29 13.74
CA TRP B 276 -17.50 19.73 13.12
C TRP B 276 -16.92 20.72 12.11
N GLU B 277 -17.78 21.33 11.30
CA GLU B 277 -17.38 22.41 10.35
C GLU B 277 -16.63 23.50 11.13
N GLN B 278 -17.12 23.85 12.33
CA GLN B 278 -16.51 24.89 13.19
C GLN B 278 -15.10 24.44 13.64
N VAL B 279 -14.97 23.21 14.13
CA VAL B 279 -13.66 22.64 14.59
C VAL B 279 -12.67 22.68 13.41
N ILE B 280 -13.11 22.29 12.22
CA ILE B 280 -12.27 22.28 10.97
C ILE B 280 -11.85 23.73 10.66
N PHE B 281 -12.81 24.65 10.63
CA PHE B 281 -12.60 26.11 10.39
C PHE B 281 -11.53 26.64 11.34
N GLU B 282 -11.70 26.42 12.65
CA GLU B 282 -10.76 26.85 13.71
C GLU B 282 -9.35 26.35 13.37
N GLU B 283 -9.23 25.04 13.12
CA GLU B 283 -7.96 24.32 12.84
C GLU B 283 -7.25 24.96 11.65
N ALA B 284 -7.99 25.29 10.59
CA ALA B 284 -7.48 25.83 9.30
C ALA B 284 -7.19 27.34 9.37
N ASN B 285 -7.52 28.01 10.49
CA ASN B 285 -7.41 29.49 10.60
C ASN B 285 -6.78 29.87 11.92
N PRO B 286 -5.55 29.40 12.21
CA PRO B 286 -4.82 29.81 13.41
C PRO B 286 -4.30 31.24 13.20
N VAL B 287 -4.11 32.02 14.26
CA VAL B 287 -3.55 33.40 14.20
C VAL B 287 -2.05 33.33 14.45
N SER B 288 -1.60 32.47 15.36
CA SER B 288 -0.17 32.29 15.73
C SER B 288 0.17 30.80 15.88
N GLU B 289 1.43 30.52 16.22
CA GLU B 289 2.02 29.17 16.28
C GLU B 289 2.86 29.06 17.56
N VAL B 290 2.83 27.89 18.20
CA VAL B 290 3.70 27.59 19.39
C VAL B 290 4.30 26.19 19.19
N THR B 291 5.47 25.96 19.78
CA THR B 291 6.10 24.63 19.92
C THR B 291 6.03 24.23 21.39
N ILE B 292 5.29 23.16 21.70
CA ILE B 292 5.16 22.61 23.09
C ILE B 292 5.90 21.27 23.13
N GLY B 293 6.85 21.14 24.05
CA GLY B 293 7.61 19.90 24.28
C GLY B 293 6.86 18.99 25.23
N MET B 294 6.52 17.78 24.78
CA MET B 294 6.01 16.71 25.66
C MET B 294 7.19 15.83 26.05
N VAL B 295 7.59 15.89 27.32
CA VAL B 295 8.81 15.21 27.86
C VAL B 295 8.33 14.03 28.71
N GLY B 296 8.47 12.82 28.16
CA GLY B 296 7.99 11.57 28.80
C GLY B 296 8.91 10.40 28.50
N LYS B 297 8.47 9.18 28.85
CA LYS B 297 9.30 7.95 28.78
C LYS B 297 8.70 6.95 27.79
N TYR B 298 7.57 7.26 27.14
CA TYR B 298 6.86 6.33 26.22
C TYR B 298 6.79 6.90 24.80
N ILE B 299 7.63 7.89 24.47
CA ILE B 299 7.50 8.71 23.23
C ILE B 299 7.74 7.85 21.98
N GLU B 300 8.41 6.69 22.13
CA GLU B 300 8.66 5.73 21.01
C GLU B 300 7.32 5.26 20.42
N LEU B 301 6.27 5.17 21.24
CA LEU B 301 4.87 4.95 20.77
C LEU B 301 4.02 6.16 21.14
N PRO B 302 3.86 7.14 20.21
CA PRO B 302 3.02 8.32 20.46
C PRO B 302 1.61 8.03 20.99
N ASP B 303 1.01 6.90 20.57
CA ASP B 303 -0.36 6.48 20.97
C ASP B 303 -0.42 6.28 22.50
N ALA B 304 0.74 6.10 23.15
CA ALA B 304 0.87 6.09 24.63
C ALA B 304 0.27 7.39 25.21
N TYR B 305 0.24 8.47 24.43
CA TYR B 305 -0.22 9.82 24.86
C TYR B 305 -1.33 10.34 23.95
N LYS B 306 -2.18 9.44 23.41
CA LYS B 306 -3.21 9.80 22.40
C LYS B 306 -4.06 10.97 22.90
N SER B 307 -4.67 10.84 24.09
CA SER B 307 -5.64 11.82 24.65
C SER B 307 -4.92 13.14 24.98
N VAL B 308 -3.66 13.09 25.44
CA VAL B 308 -2.86 14.29 25.78
C VAL B 308 -2.59 15.07 24.49
N ILE B 309 -2.17 14.37 23.43
CA ILE B 309 -1.85 14.98 22.10
C ILE B 309 -3.11 15.65 21.55
N GLU B 310 -4.26 14.96 21.60
CA GLU B 310 -5.56 15.52 21.13
C GLU B 310 -5.92 16.74 22.00
N ALA B 311 -5.77 16.63 23.33
CA ALA B 311 -6.08 17.72 24.30
C ALA B 311 -5.27 18.98 23.97
N LEU B 312 -3.98 18.82 23.63
CA LEU B 312 -3.09 19.94 23.23
C LEU B 312 -3.63 20.60 21.95
N LYS B 313 -4.00 19.78 20.95
CA LYS B 313 -4.58 20.29 19.68
C LYS B 313 -5.88 21.06 19.98
N HIS B 314 -6.70 20.56 20.91
CA HIS B 314 -8.00 21.19 21.30
C HIS B 314 -7.70 22.52 22.01
N GLY B 315 -6.67 22.55 22.86
CA GLY B 315 -6.12 23.78 23.45
C GLY B 315 -5.81 24.82 22.38
N GLY B 316 -5.17 24.38 21.29
CA GLY B 316 -4.90 25.19 20.09
C GLY B 316 -6.16 25.75 19.45
N LEU B 317 -7.17 24.90 19.23
CA LEU B 317 -8.45 25.29 18.58
C LEU B 317 -9.04 26.51 19.29
N LYS B 318 -9.13 26.45 20.63
CA LYS B 318 -9.85 27.45 21.46
C LYS B 318 -9.11 28.79 21.48
N ASN B 319 -7.81 28.80 21.18
CA ASN B 319 -6.95 30.01 21.20
C ASN B 319 -6.61 30.47 19.78
N ARG B 320 -7.05 29.72 18.76
CA ARG B 320 -6.58 29.87 17.36
C ARG B 320 -5.05 29.86 17.34
N VAL B 321 -4.46 28.90 18.07
CA VAL B 321 -2.99 28.68 18.13
C VAL B 321 -2.70 27.31 17.50
N SER B 322 -1.87 27.29 16.47
CA SER B 322 -1.31 26.06 15.85
C SER B 322 -0.23 25.52 16.78
N VAL B 323 -0.42 24.32 17.32
CA VAL B 323 0.50 23.69 18.31
C VAL B 323 1.39 22.67 17.60
N ASN B 324 2.69 22.96 17.53
CA ASN B 324 3.74 21.99 17.09
C ASN B 324 4.14 21.19 18.33
N ILE B 325 3.68 19.95 18.43
CA ILE B 325 4.00 19.05 19.58
C ILE B 325 5.32 18.35 19.28
N LYS B 326 6.35 18.64 20.06
CA LYS B 326 7.69 18.02 19.97
C LYS B 326 7.78 16.94 21.06
N LEU B 327 7.74 15.66 20.67
CA LEU B 327 7.95 14.51 21.58
C LEU B 327 9.43 14.43 21.94
N ILE B 328 9.75 14.57 23.24
CA ILE B 328 11.15 14.56 23.76
C ILE B 328 11.25 13.45 24.82
N ASP B 329 12.23 12.54 24.65
CA ASP B 329 12.54 11.45 25.60
C ASP B 329 13.17 12.08 26.85
N SER B 330 12.64 11.77 28.03
CA SER B 330 13.14 12.28 29.33
C SER B 330 14.52 11.68 29.65
N GLN B 331 14.84 10.52 29.08
CA GLN B 331 16.16 9.85 29.23
C GLN B 331 17.24 10.67 28.49
N ASP B 332 16.88 11.32 27.38
CA ASP B 332 17.80 12.20 26.61
C ASP B 332 18.16 13.43 27.45
N VAL B 333 17.26 13.87 28.35
CA VAL B 333 17.51 15.02 29.27
C VAL B 333 18.51 14.59 30.36
N GLU B 334 18.48 13.32 30.76
CA GLU B 334 19.45 12.72 31.73
C GLU B 334 20.83 12.68 31.07
N THR B 335 20.89 12.23 29.81
CA THR B 335 22.13 12.08 29.01
C THR B 335 22.67 13.46 28.59
N ARG B 336 21.90 14.19 27.76
CA ARG B 336 22.38 15.34 26.95
C ARG B 336 22.06 16.67 27.65
N GLY B 337 21.39 16.63 28.82
CA GLY B 337 21.09 17.83 29.64
C GLY B 337 19.93 18.64 29.07
N VAL B 338 19.75 19.88 29.56
CA VAL B 338 18.59 20.76 29.26
C VAL B 338 18.78 21.48 27.92
N GLU B 339 19.84 21.15 27.16
CA GLU B 339 20.13 21.70 25.81
C GLU B 339 18.96 21.40 24.86
N ILE B 340 18.32 20.24 25.02
CA ILE B 340 17.26 19.71 24.11
C ILE B 340 15.88 20.27 24.51
N LEU B 341 15.80 21.04 25.60
CA LEU B 341 14.56 21.74 26.05
C LEU B 341 14.53 23.18 25.52
N LYS B 342 15.53 23.57 24.72
CA LYS B 342 15.63 24.92 24.09
C LYS B 342 14.59 25.03 22.96
N GLY B 343 14.04 26.23 22.75
CA GLY B 343 13.12 26.56 21.65
C GLY B 343 11.71 26.07 21.92
N LEU B 344 11.37 25.79 23.18
CA LEU B 344 10.03 25.33 23.62
C LEU B 344 9.28 26.51 24.25
N ASP B 345 8.05 26.76 23.79
CA ASP B 345 7.15 27.83 24.30
C ASP B 345 6.42 27.34 25.55
N ALA B 346 6.42 26.03 25.79
CA ALA B 346 5.79 25.36 26.95
C ALA B 346 6.27 23.91 27.04
N ILE B 347 6.19 23.32 28.23
CA ILE B 347 6.65 21.91 28.50
C ILE B 347 5.51 21.18 29.22
N LEU B 348 5.10 20.03 28.67
CA LEU B 348 4.12 19.11 29.31
C LEU B 348 4.85 17.81 29.68
N VAL B 349 4.76 17.40 30.94
CA VAL B 349 5.23 16.08 31.43
C VAL B 349 4.00 15.22 31.73
N PRO B 350 3.72 14.20 30.90
CA PRO B 350 2.51 13.39 31.04
C PRO B 350 2.66 12.28 32.09
N GLY B 351 1.63 11.45 32.22
CA GLY B 351 1.57 10.34 33.19
C GLY B 351 2.57 9.24 32.84
N GLY B 352 2.84 8.36 33.80
CA GLY B 352 3.75 7.21 33.63
C GLY B 352 4.01 6.50 34.96
N PHE B 353 4.59 5.30 34.88
CA PHE B 353 4.94 4.42 36.03
C PHE B 353 6.38 3.94 35.81
N GLY B 354 7.11 3.67 36.90
CA GLY B 354 8.51 3.20 36.87
C GLY B 354 9.50 4.33 36.86
N TYR B 355 10.68 4.12 37.44
CA TYR B 355 11.72 5.16 37.69
C TYR B 355 12.41 5.54 36.37
N ARG B 356 12.44 4.64 35.38
CA ARG B 356 13.12 4.86 34.08
C ARG B 356 12.68 6.22 33.51
N GLY B 357 13.62 7.17 33.42
CA GLY B 357 13.43 8.46 32.75
C GLY B 357 12.80 9.53 33.63
N VAL B 358 12.60 9.25 34.93
CA VAL B 358 11.89 10.15 35.88
C VAL B 358 12.81 11.32 36.28
N GLU B 359 14.10 11.05 36.53
CA GLU B 359 15.09 12.09 36.91
C GLU B 359 15.18 13.13 35.79
N GLY B 360 15.08 12.69 34.53
CA GLY B 360 14.97 13.57 33.35
C GLY B 360 13.77 14.50 33.44
N MET B 361 12.62 13.98 33.88
CA MET B 361 11.35 14.72 34.05
C MET B 361 11.49 15.73 35.20
N ILE B 362 12.14 15.33 36.29
CA ILE B 362 12.42 16.22 37.47
C ILE B 362 13.30 17.38 36.99
N THR B 363 14.39 17.08 36.28
CA THR B 363 15.31 18.06 35.64
C THR B 363 14.49 18.99 34.73
N THR B 364 13.56 18.42 33.96
CA THR B 364 12.67 19.14 33.01
C THR B 364 11.76 20.10 33.78
N ALA B 365 11.15 19.63 34.87
CA ALA B 365 10.27 20.44 35.76
C ALA B 365 11.08 21.62 36.33
N ARG B 366 12.32 21.35 36.76
CA ARG B 366 13.29 22.36 37.26
C ARG B 366 13.49 23.44 36.19
N PHE B 367 13.88 23.02 34.99
CA PHE B 367 14.19 23.90 33.83
C PHE B 367 13.00 24.83 33.55
N ALA B 368 11.79 24.28 33.46
CA ALA B 368 10.54 25.03 33.16
C ALA B 368 10.25 26.03 34.29
N ARG B 369 10.43 25.61 35.55
CA ARG B 369 10.14 26.45 36.75
C ARG B 369 11.14 27.62 36.82
N GLU B 370 12.43 27.36 36.61
CA GLU B 370 13.52 28.35 36.79
C GLU B 370 13.53 29.35 35.62
N ASN B 371 13.27 28.88 34.39
CA ASN B 371 13.34 29.70 33.15
C ASN B 371 11.97 30.31 32.81
N ASN B 372 10.96 30.13 33.68
CA ASN B 372 9.59 30.69 33.53
C ASN B 372 8.97 30.22 32.19
N ILE B 373 9.18 28.96 31.84
CA ILE B 373 8.54 28.29 30.67
C ILE B 373 7.24 27.66 31.15
N PRO B 374 6.07 28.03 30.57
CA PRO B 374 4.80 27.42 30.93
C PRO B 374 4.91 25.89 31.05
N TYR B 375 4.39 25.33 32.15
CA TYR B 375 4.52 23.91 32.51
C TYR B 375 3.13 23.36 32.88
N LEU B 376 2.78 22.21 32.29
CA LEU B 376 1.63 21.38 32.73
C LEU B 376 2.14 19.98 33.06
N GLY B 377 1.94 19.53 34.30
CA GLY B 377 2.31 18.18 34.77
C GLY B 377 1.05 17.36 35.00
N ILE B 378 1.00 16.15 34.46
CA ILE B 378 -0.18 15.23 34.63
C ILE B 378 0.31 13.98 35.37
N CYS B 379 -0.25 13.76 36.57
CA CYS B 379 -0.01 12.57 37.43
C CYS B 379 1.49 12.50 37.77
N LEU B 380 2.28 11.68 37.06
CA LEU B 380 3.76 11.62 37.21
C LEU B 380 4.36 13.02 37.01
N GLY B 381 3.80 13.78 36.06
CA GLY B 381 4.18 15.18 35.78
C GLY B 381 3.98 16.09 37.00
N MET B 382 3.03 15.75 37.87
CA MET B 382 2.80 16.48 39.15
C MET B 382 3.83 16.02 40.18
N GLN B 383 4.05 14.70 40.29
CA GLN B 383 5.04 14.09 41.21
C GLN B 383 6.41 14.74 40.97
N VAL B 384 6.88 14.77 39.71
CA VAL B 384 8.24 15.26 39.35
C VAL B 384 8.32 16.76 39.68
N ALA B 385 7.23 17.50 39.48
CA ALA B 385 7.11 18.95 39.85
C ALA B 385 7.23 19.11 41.37
N LEU B 386 6.58 18.23 42.15
CA LEU B 386 6.64 18.26 43.65
C LEU B 386 8.07 17.92 44.09
N ILE B 387 8.64 16.84 43.54
CA ILE B 387 10.05 16.39 43.80
C ILE B 387 10.99 17.57 43.51
N ASP B 388 10.89 18.16 42.32
CA ASP B 388 11.72 19.32 41.88
C ASP B 388 11.72 20.39 42.97
N TYR B 389 10.53 20.83 43.39
CA TYR B 389 10.32 21.94 44.36
C TYR B 389 10.81 21.53 45.75
N ALA B 390 10.50 20.31 46.17
CA ALA B 390 10.94 19.70 47.45
C ALA B 390 12.47 19.74 47.54
N ARG B 391 13.16 19.29 46.48
CA ARG B 391 14.64 19.19 46.42
C ARG B 391 15.28 20.59 46.38
N HIS B 392 14.95 21.38 45.35
CA HIS B 392 15.76 22.55 44.90
C HIS B 392 15.28 23.86 45.53
N VAL B 393 14.06 23.91 46.09
CA VAL B 393 13.51 25.13 46.76
C VAL B 393 13.41 24.88 48.27
N ALA B 394 12.78 23.78 48.68
CA ALA B 394 12.51 23.43 50.10
C ALA B 394 13.71 22.68 50.72
N ASN B 395 14.81 22.53 49.98
CA ASN B 395 16.10 21.95 50.45
C ASN B 395 15.85 20.61 51.14
N MET B 396 15.13 19.71 50.47
CA MET B 396 14.94 18.29 50.87
C MET B 396 15.74 17.41 49.91
N GLU B 397 17.04 17.25 50.18
CA GLU B 397 18.00 16.54 49.30
C GLU B 397 17.48 15.13 49.01
N ASN B 398 17.49 14.72 47.74
CA ASN B 398 17.17 13.35 47.27
C ASN B 398 15.69 13.03 47.48
N ALA B 399 14.84 14.04 47.74
CA ALA B 399 13.37 13.89 47.87
C ALA B 399 12.85 13.12 46.66
N ASN B 400 12.02 12.10 46.88
CA ASN B 400 11.62 11.15 45.81
C ASN B 400 10.26 10.50 46.15
N SER B 401 9.78 9.64 45.25
CA SER B 401 8.61 8.75 45.44
C SER B 401 9.09 7.39 45.95
N THR B 402 8.31 6.76 46.82
CA THR B 402 8.54 5.37 47.32
C THR B 402 8.44 4.38 46.16
N GLU B 403 7.72 4.74 45.08
CA GLU B 403 7.64 3.92 43.83
C GLU B 403 9.05 3.71 43.25
N PHE B 404 9.90 4.73 43.34
CA PHE B 404 11.22 4.81 42.66
C PHE B 404 12.35 4.46 43.64
N VAL B 405 12.37 5.12 44.81
CA VAL B 405 13.34 4.87 45.92
C VAL B 405 12.55 4.65 47.21
N PRO B 406 12.19 3.38 47.53
CA PRO B 406 11.32 3.09 48.68
C PRO B 406 11.80 3.66 50.03
N ASP B 407 13.12 3.67 50.26
CA ASP B 407 13.74 3.96 51.59
C ASP B 407 14.36 5.36 51.61
N CYS B 408 13.94 6.28 50.73
CA CYS B 408 14.45 7.69 50.68
C CYS B 408 14.00 8.43 51.95
N LYS B 409 14.78 9.43 52.37
CA LYS B 409 14.57 10.19 53.63
C LYS B 409 13.28 11.03 53.49
N TYR B 410 13.07 11.67 52.33
CA TYR B 410 11.93 12.56 52.03
C TYR B 410 11.02 11.93 50.97
N PRO B 411 10.15 10.95 51.33
CA PRO B 411 9.15 10.42 50.40
C PRO B 411 7.96 11.39 50.27
N VAL B 412 8.15 12.47 49.48
CA VAL B 412 7.13 13.54 49.26
C VAL B 412 5.96 12.97 48.43
N VAL B 413 6.21 11.86 47.72
CA VAL B 413 5.19 11.04 47.01
C VAL B 413 5.27 9.61 47.57
N ALA B 414 4.14 9.05 48.01
CA ALA B 414 4.07 7.68 48.57
C ALA B 414 2.61 7.20 48.64
N LEU B 415 2.41 5.88 48.72
CA LEU B 415 1.11 5.26 49.03
C LEU B 415 0.64 5.80 50.37
N ILE B 416 -0.68 5.96 50.57
CA ILE B 416 -1.27 6.47 51.85
C ILE B 416 -0.76 5.60 53.01
N THR B 417 -0.72 4.28 52.81
CA THR B 417 -0.31 3.26 53.82
C THR B 417 1.19 3.39 54.15
N GLU B 418 1.98 4.05 53.29
CA GLU B 418 3.45 4.21 53.44
C GLU B 418 3.83 5.57 54.02
N TRP B 419 2.86 6.50 54.19
CA TRP B 419 3.12 7.90 54.60
C TRP B 419 3.99 7.92 55.86
N ARG B 420 5.13 8.62 55.81
CA ARG B 420 6.07 8.86 56.94
C ARG B 420 6.76 10.21 56.73
N ASP B 421 7.42 10.75 57.77
CA ASP B 421 8.21 12.00 57.70
C ASP B 421 9.69 11.64 57.61
N GLU B 422 10.57 12.65 57.64
CA GLU B 422 12.04 12.52 57.45
C GLU B 422 12.66 11.70 58.58
N ASN B 423 11.99 11.60 59.75
CA ASN B 423 12.49 10.89 60.95
C ASN B 423 11.85 9.50 61.06
N GLY B 424 10.99 9.13 60.09
CA GLY B 424 10.37 7.79 60.00
C GLY B 424 9.10 7.68 60.84
N ASN B 425 8.59 8.81 61.33
CA ASN B 425 7.33 8.89 62.13
C ASN B 425 6.13 8.77 61.17
N VAL B 426 5.00 8.28 61.68
CA VAL B 426 3.77 7.98 60.89
C VAL B 426 2.58 8.70 61.52
N GLU B 427 1.38 8.56 60.93
CA GLU B 427 0.09 9.09 61.45
C GLU B 427 -0.57 8.01 62.32
N VAL B 428 -1.57 8.40 63.12
CA VAL B 428 -2.38 7.48 63.99
C VAL B 428 -3.72 7.24 63.32
N GLY B 437 -8.06 -0.89 48.52
CA GLY B 437 -7.96 -0.19 47.21
C GLY B 437 -7.20 1.13 47.34
N THR B 438 -5.88 1.08 47.19
CA THR B 438 -4.97 2.26 47.12
C THR B 438 -5.13 2.93 45.75
N MET B 439 -5.53 2.15 44.73
CA MET B 439 -5.71 2.63 43.33
C MET B 439 -6.94 3.53 43.24
N ARG B 440 -6.77 4.76 42.76
CA ARG B 440 -7.89 5.71 42.50
C ARG B 440 -8.16 5.69 41.00
N LEU B 441 -9.40 5.36 40.61
CA LEU B 441 -9.82 5.17 39.20
C LEU B 441 -11.14 5.89 38.95
N GLY B 442 -11.22 6.65 37.86
CA GLY B 442 -12.47 7.24 37.37
C GLY B 442 -12.74 8.59 37.98
N ALA B 443 -13.97 9.07 37.84
CA ALA B 443 -14.44 10.42 38.16
C ALA B 443 -14.33 10.63 39.68
N GLN B 444 -13.79 11.77 40.08
CA GLN B 444 -13.65 12.19 41.50
C GLN B 444 -13.91 13.69 41.54
N GLN B 445 -14.82 14.14 42.41
CA GLN B 445 -15.02 15.58 42.71
C GLN B 445 -13.75 16.10 43.38
N CYS B 446 -13.22 17.23 42.89
N CYS B 446 -13.21 17.21 42.88
CA CYS B 446 -12.01 17.91 43.41
CA CYS B 446 -12.01 17.91 43.43
C CYS B 446 -12.38 19.36 43.77
C CYS B 446 -12.39 19.34 43.79
N GLN B 447 -12.05 19.79 45.00
CA GLN B 447 -12.33 21.16 45.50
C GLN B 447 -11.17 22.06 45.12
N LEU B 448 -11.44 23.15 44.40
CA LEU B 448 -10.41 24.11 43.92
C LEU B 448 -10.27 25.23 44.97
N VAL B 449 -9.03 25.66 45.21
CA VAL B 449 -8.67 26.66 46.24
C VAL B 449 -8.84 28.05 45.65
N ASP B 450 -9.46 28.97 46.39
CA ASP B 450 -9.64 30.40 46.01
C ASP B 450 -8.28 31.00 45.68
N ASP B 451 -8.23 31.88 44.68
CA ASP B 451 -7.01 32.62 44.24
C ASP B 451 -5.96 31.65 43.67
N SER B 452 -6.38 30.46 43.23
CA SER B 452 -5.55 29.53 42.41
C SER B 452 -5.83 29.80 40.93
N LEU B 453 -4.82 29.63 40.09
CA LEU B 453 -4.91 29.74 38.61
C LEU B 453 -6.04 28.84 38.11
N VAL B 454 -6.13 27.60 38.61
CA VAL B 454 -7.09 26.56 38.12
C VAL B 454 -8.52 26.93 38.55
N ARG B 455 -8.71 27.54 39.72
CA ARG B 455 -10.07 27.89 40.23
C ARG B 455 -10.68 28.95 39.31
N GLN B 456 -9.83 29.74 38.65
CA GLN B 456 -10.22 30.74 37.63
C GLN B 456 -10.54 30.00 36.32
N LEU B 457 -9.58 29.23 35.81
CA LEU B 457 -9.66 28.53 34.50
C LEU B 457 -10.93 27.67 34.45
N TYR B 458 -11.15 26.81 35.44
CA TYR B 458 -12.34 25.94 35.55
C TYR B 458 -13.57 26.78 35.89
N ASN B 459 -13.37 27.94 36.52
CA ASN B 459 -14.44 28.92 36.85
C ASN B 459 -15.56 28.23 37.64
N ALA B 460 -15.18 27.41 38.62
CA ALA B 460 -16.12 26.74 39.55
C ALA B 460 -15.35 26.32 40.81
N PRO B 461 -16.04 26.17 41.96
CA PRO B 461 -15.39 25.77 43.20
C PRO B 461 -15.00 24.28 43.18
N THR B 462 -15.80 23.47 42.48
CA THR B 462 -15.61 22.00 42.37
C THR B 462 -15.55 21.62 40.89
N ILE B 463 -14.78 20.57 40.60
CA ILE B 463 -14.64 19.99 39.24
C ILE B 463 -14.67 18.46 39.39
N VAL B 464 -14.98 17.76 38.31
CA VAL B 464 -14.91 16.27 38.21
C VAL B 464 -13.88 15.94 37.14
N GLU B 465 -12.80 15.27 37.55
CA GLU B 465 -11.76 14.72 36.63
C GLU B 465 -11.55 13.25 37.00
N ARG B 466 -10.83 12.53 36.15
CA ARG B 466 -10.67 11.06 36.24
C ARG B 466 -9.24 10.73 36.65
N HIS B 467 -9.09 9.81 37.60
CA HIS B 467 -7.80 9.35 38.16
C HIS B 467 -7.42 8.00 37.57
N ARG B 468 -6.12 7.73 37.50
CA ARG B 468 -5.53 6.37 37.40
C ARG B 468 -4.14 6.41 38.04
N HIS B 469 -4.08 6.30 39.37
CA HIS B 469 -2.82 6.36 40.16
C HIS B 469 -3.06 5.83 41.58
N ARG B 470 -1.99 5.39 42.25
CA ARG B 470 -1.99 4.97 43.68
C ARG B 470 -1.04 5.86 44.50
N TYR B 471 0.01 6.40 43.89
CA TYR B 471 1.07 7.19 44.58
C TYR B 471 0.59 8.63 44.77
N GLU B 472 0.29 8.97 46.03
CA GLU B 472 -0.27 10.27 46.47
C GLU B 472 0.84 11.19 46.97
N VAL B 473 0.57 12.49 47.04
CA VAL B 473 1.39 13.50 47.77
C VAL B 473 1.36 13.13 49.26
N ASN B 474 2.54 12.95 49.87
CA ASN B 474 2.71 12.71 51.32
C ASN B 474 2.31 13.98 52.08
N ASN B 475 1.18 13.95 52.80
CA ASN B 475 0.65 15.10 53.58
C ASN B 475 1.61 15.43 54.74
N MET B 476 2.36 14.44 55.23
CA MET B 476 3.27 14.58 56.41
C MET B 476 4.46 15.48 56.06
N LEU B 477 4.83 15.58 54.78
CA LEU B 477 5.99 16.38 54.29
C LEU B 477 5.52 17.61 53.50
N LEU B 478 4.20 17.75 53.27
CA LEU B 478 3.61 18.78 52.37
C LEU B 478 3.79 20.18 52.98
N LYS B 479 3.52 20.30 54.28
CA LYS B 479 3.51 21.60 55.02
C LYS B 479 4.86 22.31 54.83
N GLN B 480 5.96 21.54 54.86
CA GLN B 480 7.34 22.05 54.65
C GLN B 480 7.51 22.59 53.23
N ILE B 481 6.89 21.94 52.24
CA ILE B 481 6.97 22.35 50.80
C ILE B 481 6.07 23.59 50.61
N GLU B 482 4.96 23.68 51.34
CA GLU B 482 4.04 24.85 51.35
C GLU B 482 4.76 26.08 51.93
N ASP B 483 5.44 25.91 53.07
CA ASP B 483 6.29 26.96 53.69
C ASP B 483 7.24 27.54 52.64
N ALA B 484 7.84 26.67 51.82
CA ALA B 484 8.87 27.01 50.81
C ALA B 484 8.25 27.67 49.57
N GLY B 485 6.91 27.81 49.52
CA GLY B 485 6.21 28.67 48.56
C GLY B 485 5.34 27.91 47.57
N LEU B 486 5.29 26.58 47.62
CA LEU B 486 4.41 25.76 46.73
C LEU B 486 2.95 25.93 47.18
N ARG B 487 2.06 26.22 46.24
CA ARG B 487 0.60 26.39 46.49
C ARG B 487 -0.11 25.07 46.14
N VAL B 488 -0.93 24.58 47.08
CA VAL B 488 -1.96 23.54 46.84
C VAL B 488 -3.17 24.24 46.24
N ALA B 489 -3.53 23.91 44.99
CA ALA B 489 -4.62 24.55 44.22
C ALA B 489 -5.89 23.67 44.25
N GLY B 490 -5.76 22.39 44.59
CA GLY B 490 -6.89 21.45 44.58
C GLY B 490 -6.70 20.28 45.53
N ARG B 491 -7.79 19.84 46.17
CA ARG B 491 -7.83 18.71 47.12
CA ARG B 491 -7.81 18.69 47.10
C ARG B 491 -9.08 17.87 46.85
N SER B 492 -9.14 16.64 47.38
CA SER B 492 -10.31 15.73 47.30
C SER B 492 -10.36 14.78 48.49
N GLY B 493 -11.56 14.37 48.88
CA GLY B 493 -11.81 13.23 49.80
C GLY B 493 -11.58 13.57 51.26
N ASP B 494 -11.82 12.59 52.13
CA ASP B 494 -11.66 12.68 53.61
C ASP B 494 -10.18 12.94 53.95
N ASP B 495 -9.28 12.20 53.29
CA ASP B 495 -7.81 12.26 53.52
C ASP B 495 -7.23 13.57 52.93
N GLN B 496 -8.08 14.47 52.44
CA GLN B 496 -7.65 15.77 51.85
C GLN B 496 -6.42 15.53 50.97
N LEU B 497 -6.54 14.59 50.02
CA LEU B 497 -5.44 14.24 49.07
C LEU B 497 -5.21 15.45 48.16
N VAL B 498 -3.94 15.76 47.88
CA VAL B 498 -3.53 16.89 46.99
C VAL B 498 -3.77 16.46 45.54
N GLU B 499 -4.60 17.22 44.82
CA GLU B 499 -5.03 16.96 43.43
C GLU B 499 -4.29 17.91 42.46
N ILE B 500 -4.12 19.17 42.84
CA ILE B 500 -3.45 20.19 41.99
C ILE B 500 -2.45 20.98 42.83
N ILE B 501 -1.27 21.25 42.27
CA ILE B 501 -0.25 22.18 42.84
C ILE B 501 0.06 23.25 41.78
N GLU B 502 0.50 24.43 42.25
CA GLU B 502 0.91 25.58 41.41
C GLU B 502 2.18 26.21 42.01
N VAL B 503 3.06 26.73 41.16
CA VAL B 503 4.21 27.58 41.55
C VAL B 503 3.86 29.01 41.16
N PRO B 504 3.37 29.86 42.10
CA PRO B 504 2.79 31.16 41.75
C PRO B 504 3.79 32.24 41.31
N ASN B 505 5.10 32.04 41.54
CA ASN B 505 6.18 32.95 41.07
C ASN B 505 6.61 32.55 39.65
N HIS B 506 5.63 32.43 38.75
CA HIS B 506 5.75 31.79 37.41
C HIS B 506 4.51 32.16 36.59
N PRO B 507 4.64 32.50 35.29
CA PRO B 507 3.49 32.92 34.50
C PRO B 507 2.39 31.86 34.40
N TRP B 508 2.76 30.58 34.32
CA TRP B 508 1.81 29.44 34.18
C TRP B 508 2.53 28.12 34.52
N PHE B 509 2.33 27.66 35.75
CA PHE B 509 2.90 26.38 36.27
C PHE B 509 1.80 25.67 37.06
N VAL B 510 1.20 24.66 36.43
CA VAL B 510 0.10 23.83 37.02
C VAL B 510 0.45 22.37 36.82
N ALA B 511 0.18 21.55 37.85
CA ALA B 511 0.31 20.09 37.79
C ALA B 511 -0.84 19.47 38.59
N CYS B 512 -1.47 18.45 38.01
CA CYS B 512 -2.65 17.75 38.57
C CYS B 512 -2.36 16.25 38.64
N GLN B 513 -3.03 15.57 39.57
CA GLN B 513 -2.91 14.11 39.80
C GLN B 513 -3.81 13.38 38.78
N PHE B 514 -4.95 13.98 38.45
CA PHE B 514 -5.96 13.43 37.50
C PHE B 514 -5.46 13.60 36.07
N HIS B 515 -6.18 12.99 35.12
CA HIS B 515 -5.89 12.99 33.66
C HIS B 515 -6.92 13.88 32.98
N PRO B 516 -6.68 15.22 32.92
CA PRO B 516 -7.66 16.13 32.34
C PRO B 516 -7.87 15.83 30.85
N GLU B 517 -6.88 15.20 30.20
CA GLU B 517 -6.92 14.85 28.76
C GLU B 517 -8.13 13.94 28.46
N PHE B 518 -8.66 13.23 29.47
CA PHE B 518 -9.77 12.27 29.29
C PHE B 518 -11.13 12.97 29.22
N THR B 519 -11.25 14.25 29.60
CA THR B 519 -12.53 15.01 29.52
C THR B 519 -12.45 16.10 28.45
N SER B 520 -11.30 16.28 27.81
CA SER B 520 -11.09 17.22 26.67
C SER B 520 -11.77 16.66 25.43
N THR B 521 -12.49 17.51 24.68
CA THR B 521 -13.07 17.17 23.36
C THR B 521 -12.68 18.25 22.37
N PRO B 522 -12.68 17.95 21.05
CA PRO B 522 -12.44 18.98 20.04
C PRO B 522 -13.49 20.10 20.10
N ARG B 523 -14.75 19.75 20.34
CA ARG B 523 -15.89 20.70 20.31
C ARG B 523 -15.94 21.56 21.59
N ASP B 524 -15.73 20.98 22.77
CA ASP B 524 -15.90 21.68 24.07
C ASP B 524 -14.54 22.13 24.63
N GLY B 525 -13.44 21.60 24.08
CA GLY B 525 -12.08 21.92 24.55
C GLY B 525 -11.91 21.49 25.99
N HIS B 526 -11.03 22.16 26.74
CA HIS B 526 -10.78 21.87 28.17
C HIS B 526 -10.15 23.10 28.84
N PRO B 527 -10.73 23.58 29.96
CA PRO B 527 -10.28 24.83 30.59
C PRO B 527 -8.76 24.87 30.82
N LEU B 528 -8.20 23.75 31.30
CA LEU B 528 -6.77 23.65 31.71
C LEU B 528 -5.86 23.68 30.48
N PHE B 529 -6.17 22.92 29.42
CA PHE B 529 -5.37 22.83 28.18
C PHE B 529 -5.45 24.16 27.41
N ALA B 530 -6.64 24.77 27.36
CA ALA B 530 -6.86 26.08 26.72
C ALA B 530 -5.93 27.11 27.38
N GLY B 531 -5.95 27.16 28.71
CA GLY B 531 -5.09 28.04 29.54
C GLY B 531 -3.61 27.77 29.30
N PHE B 532 -3.22 26.50 29.23
CA PHE B 532 -1.81 26.06 29.03
C PHE B 532 -1.31 26.59 27.69
N VAL B 533 -2.09 26.42 26.62
CA VAL B 533 -1.71 26.81 25.23
C VAL B 533 -1.72 28.34 25.13
N LYS B 534 -2.67 29.01 25.78
CA LYS B 534 -2.70 30.51 25.87
C LYS B 534 -1.36 31.00 26.44
N ALA B 535 -0.93 30.43 27.57
CA ALA B 535 0.34 30.75 28.26
C ALA B 535 1.52 30.51 27.31
N ALA B 536 1.48 29.43 26.52
CA ALA B 536 2.53 29.08 25.53
C ALA B 536 2.62 30.18 24.47
N SER B 537 1.47 30.66 23.99
CA SER B 537 1.35 31.75 22.98
C SER B 537 1.96 33.04 23.55
N GLU B 538 1.60 33.37 24.80
CA GLU B 538 2.06 34.59 25.52
C GLU B 538 3.58 34.53 25.69
N PHE B 539 4.12 33.39 26.12
CA PHE B 539 5.58 33.16 26.25
C PHE B 539 6.27 33.40 24.90
N GLN B 540 5.75 32.77 23.83
CA GLN B 540 6.30 32.86 22.46
C GLN B 540 6.39 34.34 22.02
N LYS B 541 5.38 35.15 22.34
CA LYS B 541 5.31 36.60 21.97
C LYS B 541 6.38 37.39 22.73
N ARG B 542 6.62 37.07 24.00
CA ARG B 542 7.57 37.80 24.89
C ARG B 542 9.02 37.58 24.41
N GLN B 543 9.31 36.49 23.69
CA GLN B 543 10.67 36.19 23.15
C GLN B 543 10.95 37.08 21.94
#